data_1CT8
#
_entry.id   1CT8
#
_cell.length_a   54.558
_cell.length_b   65.612
_cell.length_c   117.761
_cell.angle_alpha   90.00
_cell.angle_beta   95.56
_cell.angle_gamma   90.00
#
_symmetry.space_group_name_H-M   'P 1 21 1'
#
loop_
_entity.id
_entity.type
_entity.pdbx_description
1 polymer '7C8 FAB FRAGMENT; SHORT CHAIN'
2 polymer '7C8 FAB FRAGMENT; LONG CHAIN'
3 non-polymer 'SULFATE ION'
4 non-polymer '[4-(2,2,2-TRIFLUORO-ACETYLAMINO)-BENZYL]-PHOSPHONIC ACID MONO-[2-(2,2-DICHLORO-1-HYDROXY-ETHYLAMINO)-3-HYDROXY-1-(4-NITRO-PHENYL)-PROPYL] ESTER'
5 water water
#
loop_
_entity_poly.entity_id
_entity_poly.type
_entity_poly.pdbx_seq_one_letter_code
_entity_poly.pdbx_strand_id
1 'polypeptide(L)'
;ELVMTQTPATLSVTPGDSVSLSCRASQSVSNKLHWYQQKSHESPRLLIKFASQSIPGIPSRFSGSGSGSDFTLSINSVET
EDFGIYFCHQTHGRPLTFGAGTKLELKRADAAPTVSIFPPSSEQLTSGGASVVCFLNNFYPKDINVKWKIDGSERQNGVL
NSWTDQDSKDSTYSMSSTLTLTKDEYERHNSYTCEATHKTSTSPIVKSFNRNEC
;
A,C
2 'polypeptide(L)'
;QVKLLESGAVLVKPGASVKLSCKTSGFTFSSSYINWLKQKPGQSLEWIAWIYAGSGGTVYNQHFTDKARLTVDTSSSTAY
MQFSSLTTEDSAIYYCARYRYDEGFAYWGQGTLVTVSAAKTTPPSVYPLAPGSAAQTNSMVTLGCLVKGYFPEPVTVTWN
SGSLSSGVHTFPAVLQSDLYTLSSSVTVPSSTWPSETVTCNVAHPASSTKVDKKIVPRDC
;
B,D
#
# COMPACT_ATOMS: atom_id res chain seq x y z
N GLU A 1 -5.41 -12.40 11.36
CA GLU A 1 -6.19 -11.23 10.88
C GLU A 1 -6.62 -10.47 12.12
N LEU A 2 -6.84 -9.16 11.98
CA LEU A 2 -7.29 -8.37 13.12
C LEU A 2 -8.76 -8.73 13.29
N VAL A 3 -9.09 -9.29 14.45
CA VAL A 3 -10.45 -9.66 14.77
C VAL A 3 -11.15 -8.47 15.44
N MET A 4 -12.40 -8.23 15.07
CA MET A 4 -13.16 -7.13 15.65
C MET A 4 -14.36 -7.69 16.39
N THR A 5 -14.45 -7.37 17.68
CA THR A 5 -15.52 -7.84 18.52
C THR A 5 -16.53 -6.74 18.83
N GLN A 6 -17.75 -6.91 18.32
CA GLN A 6 -18.80 -5.93 18.54
C GLN A 6 -19.75 -6.33 19.66
N THR A 7 -20.17 -5.34 20.44
CA THR A 7 -21.10 -5.55 21.54
C THR A 7 -21.94 -4.29 21.78
N PRO A 8 -23.21 -4.49 22.16
CA PRO A 8 -23.77 -5.83 22.31
C PRO A 8 -24.21 -6.39 20.95
N ALA A 9 -24.44 -7.70 20.88
CA ALA A 9 -24.86 -8.34 19.64
C ALA A 9 -26.21 -7.77 19.17
N THR A 10 -27.13 -7.56 20.11
CA THR A 10 -28.44 -7.01 19.77
C THR A 10 -28.78 -5.99 20.84
N LEU A 11 -29.53 -4.97 20.46
CA LEU A 11 -29.95 -3.92 21.37
C LEU A 11 -31.35 -3.42 21.03
N SER A 12 -32.24 -3.38 22.01
CA SER A 12 -33.61 -2.91 21.81
C SER A 12 -33.71 -1.59 22.56
N VAL A 13 -34.08 -0.52 21.84
CA VAL A 13 -34.14 0.78 22.48
C VAL A 13 -35.40 1.57 22.13
N THR A 14 -35.69 2.57 22.95
CA THR A 14 -36.84 3.44 22.77
C THR A 14 -36.40 4.69 21.98
N PRO A 15 -37.20 5.11 20.98
CA PRO A 15 -36.85 6.29 20.20
C PRO A 15 -36.66 7.46 21.14
N GLY A 16 -35.63 8.26 20.88
CA GLY A 16 -35.34 9.40 21.72
C GLY A 16 -34.15 9.10 22.62
N ASP A 17 -33.91 7.83 22.93
CA ASP A 17 -32.77 7.46 23.76
C ASP A 17 -31.43 7.65 23.03
N SER A 18 -30.37 7.39 23.78
CA SER A 18 -29.04 7.47 23.23
C SER A 18 -28.37 6.15 23.53
N VAL A 19 -27.59 5.65 22.58
CA VAL A 19 -26.90 4.38 22.75
C VAL A 19 -25.45 4.52 22.31
N SER A 20 -24.62 3.59 22.73
CA SER A 20 -23.23 3.60 22.30
C SER A 20 -22.87 2.15 22.00
N LEU A 21 -22.37 1.91 20.79
CA LEU A 21 -22.01 0.58 20.37
C LEU A 21 -20.49 0.40 20.48
N SER A 22 -20.07 -0.74 20.98
CA SER A 22 -18.66 -0.96 21.13
C SER A 22 -18.04 -1.84 20.04
N CYS A 23 -16.83 -1.49 19.61
CA CYS A 23 -16.09 -2.26 18.62
C CYS A 23 -14.67 -2.44 19.13
N ARG A 24 -14.27 -3.67 19.41
CA ARG A 24 -12.92 -3.95 19.91
C ARG A 24 -12.03 -4.60 18.85
N ALA A 25 -10.77 -4.21 18.79
CA ALA A 25 -9.83 -4.81 17.84
C ALA A 25 -8.84 -5.71 18.58
N SER A 26 -8.54 -6.87 18.00
CA SER A 26 -7.61 -7.81 18.63
C SER A 26 -6.23 -7.16 18.76
N GLN A 27 -6.01 -6.09 18.01
CA GLN A 27 -4.77 -5.35 18.11
C GLN A 27 -5.03 -3.97 17.57
N SER A 28 -4.06 -3.08 17.72
CA SER A 28 -4.26 -1.72 17.27
C SER A 28 -4.49 -1.55 15.79
N VAL A 29 -5.42 -0.65 15.47
CA VAL A 29 -5.75 -0.34 14.10
C VAL A 29 -5.63 1.14 13.89
N SER A 30 -4.93 1.79 14.82
CA SER A 30 -4.69 3.23 14.76
C SER A 30 -6.06 3.95 14.75
N ASN A 31 -6.29 4.78 13.73
CA ASN A 31 -7.57 5.48 13.61
C ASN A 31 -8.29 4.94 12.38
N LYS A 32 -7.86 3.77 11.90
CA LYS A 32 -8.44 3.15 10.71
C LYS A 32 -9.61 2.23 10.99
N LEU A 33 -10.64 2.79 11.59
CA LEU A 33 -11.83 2.04 11.92
C LEU A 33 -12.99 2.83 11.35
N HIS A 34 -13.93 2.14 10.71
CA HIS A 34 -15.07 2.80 10.08
C HIS A 34 -16.36 2.14 10.53
N TRP A 35 -17.46 2.88 10.45
CA TRP A 35 -18.77 2.38 10.88
C TRP A 35 -19.77 2.47 9.74
N TYR A 36 -20.54 1.39 9.57
CA TYR A 36 -21.55 1.32 8.52
C TYR A 36 -22.89 0.94 9.10
N GLN A 37 -23.94 1.41 8.44
CA GLN A 37 -25.29 1.04 8.80
C GLN A 37 -25.86 0.14 7.65
N GLN A 38 -26.42 -1.02 7.95
CA GLN A 38 -26.97 -1.80 6.87
C GLN A 38 -28.40 -2.18 7.10
N LYS A 39 -29.26 -1.73 6.19
CA LYS A 39 -30.66 -2.03 6.22
C LYS A 39 -30.82 -3.26 5.35
N SER A 40 -31.82 -4.08 5.66
CA SER A 40 -32.07 -5.28 4.88
C SER A 40 -32.47 -4.90 3.47
N HIS A 41 -31.94 -5.67 2.51
CA HIS A 41 -32.19 -5.47 1.10
C HIS A 41 -31.46 -4.20 0.65
N GLU A 42 -30.39 -3.84 1.36
CA GLU A 42 -29.63 -2.64 1.01
C GLU A 42 -28.14 -2.78 1.27
N SER A 43 -27.34 -2.03 0.53
CA SER A 43 -25.89 -2.08 0.71
C SER A 43 -25.46 -1.22 1.91
N PRO A 44 -24.29 -1.54 2.52
CA PRO A 44 -23.83 -0.75 3.67
C PRO A 44 -23.72 0.74 3.38
N ARG A 45 -24.05 1.54 4.38
CA ARG A 45 -23.97 3.00 4.28
C ARG A 45 -22.93 3.45 5.32
N LEU A 46 -21.88 4.12 4.84
CA LEU A 46 -20.78 4.63 5.67
C LEU A 46 -21.33 5.68 6.57
N LEU A 47 -21.15 5.48 7.86
CA LEU A 47 -21.61 6.45 8.84
C LEU A 47 -20.48 7.32 9.35
N ILE A 48 -19.42 6.67 9.82
CA ILE A 48 -18.23 7.33 10.38
C ILE A 48 -16.96 6.78 9.71
N LYS A 49 -16.07 7.67 9.27
CA LYS A 49 -14.80 7.25 8.67
C LYS A 49 -13.63 7.62 9.57
N PHE A 50 -12.60 6.78 9.58
CA PHE A 50 -11.39 6.97 10.35
C PHE A 50 -11.58 7.32 11.83
N ALA A 51 -12.37 6.47 12.47
CA ALA A 51 -12.68 6.53 13.89
C ALA A 51 -13.66 7.59 14.39
N SER A 52 -13.57 8.80 13.87
CA SER A 52 -14.41 9.88 14.36
C SER A 52 -14.78 10.90 13.34
N GLN A 53 -14.36 10.73 12.11
CA GLN A 53 -14.68 11.73 11.14
C GLN A 53 -16.07 11.53 10.58
N SER A 54 -16.78 12.63 10.41
CA SER A 54 -18.12 12.60 9.91
C SER A 54 -18.15 12.70 8.40
N ILE A 55 -19.26 12.23 7.83
CA ILE A 55 -19.47 12.21 6.40
C ILE A 55 -20.57 13.16 5.97
N PRO A 56 -20.37 13.83 4.83
CA PRO A 56 -21.40 14.75 4.37
C PRO A 56 -22.74 14.04 4.09
N GLY A 57 -23.78 14.48 4.79
CA GLY A 57 -25.10 13.93 4.61
C GLY A 57 -25.63 13.00 5.67
N ILE A 58 -24.75 12.55 6.57
CA ILE A 58 -25.18 11.64 7.62
C ILE A 58 -25.68 12.50 8.79
N PRO A 59 -26.83 12.11 9.39
CA PRO A 59 -27.45 12.80 10.52
C PRO A 59 -26.49 12.99 11.67
N SER A 60 -26.42 14.22 12.18
CA SER A 60 -25.52 14.58 13.28
C SER A 60 -25.67 13.77 14.57
N ARG A 61 -26.74 12.98 14.67
CA ARG A 61 -26.95 12.16 15.85
C ARG A 61 -25.89 11.07 15.92
N PHE A 62 -25.21 10.83 14.79
CA PHE A 62 -24.17 9.80 14.73
C PHE A 62 -22.77 10.36 14.97
N SER A 63 -22.02 9.75 15.88
CA SER A 63 -20.68 10.21 16.15
C SER A 63 -19.84 9.05 16.66
N GLY A 64 -18.56 9.03 16.31
CA GLY A 64 -17.71 7.95 16.74
C GLY A 64 -16.47 8.43 17.48
N SER A 65 -15.88 7.55 18.27
CA SER A 65 -14.69 7.92 19.00
C SER A 65 -13.84 6.71 19.26
N GLY A 66 -12.62 6.98 19.70
CA GLY A 66 -11.67 5.96 20.06
C GLY A 66 -10.50 5.92 19.13
N SER A 67 -9.54 5.08 19.49
CA SER A 67 -8.34 4.82 18.71
C SER A 67 -7.62 3.65 19.32
N GLY A 68 -6.76 3.04 18.51
CA GLY A 68 -6.01 1.89 18.96
C GLY A 68 -6.89 0.67 18.87
N SER A 69 -7.34 0.17 20.01
CA SER A 69 -8.16 -1.03 20.03
C SER A 69 -9.59 -0.88 20.55
N ASP A 70 -9.96 0.32 21.02
CA ASP A 70 -11.30 0.51 21.58
C ASP A 70 -11.99 1.60 20.83
N PHE A 71 -13.17 1.32 20.29
CA PHE A 71 -13.92 2.27 19.50
C PHE A 71 -15.40 2.27 19.90
N THR A 72 -16.07 3.39 19.67
CA THR A 72 -17.47 3.53 20.06
C THR A 72 -18.28 4.38 19.08
N LEU A 73 -19.45 3.86 18.73
CA LEU A 73 -20.38 4.59 17.84
C LEU A 73 -21.49 5.03 18.78
N SER A 74 -21.80 6.31 18.74
CA SER A 74 -22.85 6.84 19.58
C SER A 74 -23.94 7.47 18.77
N ILE A 75 -25.17 7.18 19.17
CA ILE A 75 -26.36 7.72 18.53
C ILE A 75 -27.16 8.36 19.65
N ASN A 76 -27.23 9.68 19.65
CA ASN A 76 -27.99 10.36 20.67
C ASN A 76 -29.33 10.62 20.01
N SER A 77 -30.40 10.31 20.71
CA SER A 77 -31.73 10.51 20.14
C SER A 77 -32.01 9.56 18.98
N VAL A 78 -32.04 8.27 19.29
CA VAL A 78 -32.33 7.23 18.32
C VAL A 78 -33.72 7.45 17.69
N GLU A 79 -33.80 7.37 16.36
CA GLU A 79 -35.06 7.51 15.64
C GLU A 79 -35.51 6.15 15.13
N THR A 80 -36.72 6.09 14.59
CA THR A 80 -37.26 4.83 14.12
C THR A 80 -36.47 4.28 12.93
N GLU A 81 -36.09 5.17 12.04
CA GLU A 81 -35.35 4.76 10.86
C GLU A 81 -33.92 4.29 11.15
N ASP A 82 -33.52 4.29 12.42
CA ASP A 82 -32.18 3.84 12.76
C ASP A 82 -32.09 2.34 12.93
N PHE A 83 -33.19 1.66 12.63
CA PHE A 83 -33.25 0.20 12.71
C PHE A 83 -32.19 -0.38 11.74
N GLY A 84 -31.52 -1.47 12.13
CA GLY A 84 -30.53 -2.04 11.23
C GLY A 84 -29.40 -2.74 11.93
N ILE A 85 -28.37 -3.09 11.16
CA ILE A 85 -27.16 -3.76 11.66
C ILE A 85 -26.08 -2.71 11.54
N TYR A 86 -25.22 -2.66 12.53
CA TYR A 86 -24.11 -1.69 12.54
C TYR A 86 -22.82 -2.48 12.57
N PHE A 87 -21.96 -2.23 11.59
CA PHE A 87 -20.68 -2.92 11.47
C PHE A 87 -19.50 -1.96 11.61
N CYS A 88 -18.40 -2.45 12.19
CA CYS A 88 -17.16 -1.67 12.26
C CYS A 88 -16.21 -2.42 11.32
N HIS A 89 -15.28 -1.68 10.74
CA HIS A 89 -14.39 -2.22 9.74
C HIS A 89 -13.02 -1.59 9.93
N GLN A 90 -11.96 -2.40 9.87
CA GLN A 90 -10.61 -1.85 10.01
C GLN A 90 -9.88 -1.94 8.69
N THR A 91 -9.24 -0.83 8.29
CA THR A 91 -8.45 -0.79 7.07
C THR A 91 -7.00 -0.45 7.45
N HIS A 92 -6.52 -1.07 8.52
CA HIS A 92 -5.17 -0.83 8.97
C HIS A 92 -4.25 -1.98 8.59
N GLY A 93 -4.76 -3.20 8.70
CA GLY A 93 -3.98 -4.37 8.37
C GLY A 93 -4.65 -5.21 7.29
N ARG A 94 -3.86 -5.97 6.55
CA ARG A 94 -4.40 -6.84 5.51
C ARG A 94 -4.46 -8.22 6.12
N PRO A 95 -5.55 -8.95 5.91
CA PRO A 95 -6.70 -8.54 5.12
C PRO A 95 -7.63 -7.63 5.92
N LEU A 96 -8.40 -6.81 5.22
CA LEU A 96 -9.36 -5.91 5.83
C LEU A 96 -10.39 -6.82 6.46
N THR A 97 -10.83 -6.48 7.68
CA THR A 97 -11.80 -7.27 8.39
C THR A 97 -12.98 -6.43 8.91
N PHE A 98 -14.10 -7.08 9.18
CA PHE A 98 -15.32 -6.44 9.67
C PHE A 98 -15.75 -7.14 10.95
N GLY A 99 -16.56 -6.46 11.76
CA GLY A 99 -17.05 -7.08 12.98
C GLY A 99 -18.29 -7.88 12.63
N ALA A 100 -18.80 -8.66 13.58
CA ALA A 100 -20.00 -9.45 13.34
C ALA A 100 -21.27 -8.58 13.31
N GLY A 101 -21.16 -7.32 13.73
CA GLY A 101 -22.30 -6.43 13.69
C GLY A 101 -23.16 -6.39 14.94
N THR A 102 -23.84 -5.26 15.13
CA THR A 102 -24.75 -5.10 16.26
C THR A 102 -26.12 -4.76 15.65
N LYS A 103 -27.13 -5.54 16.03
CA LYS A 103 -28.49 -5.39 15.54
C LYS A 103 -29.24 -4.42 16.42
N LEU A 104 -29.68 -3.32 15.84
CA LEU A 104 -30.44 -2.33 16.62
C LEU A 104 -31.96 -2.43 16.38
N GLU A 105 -32.68 -2.75 17.44
CA GLU A 105 -34.13 -2.88 17.39
C GLU A 105 -34.79 -1.78 18.21
N LEU A 106 -35.97 -1.36 17.78
CA LEU A 106 -36.72 -0.32 18.47
C LEU A 106 -37.95 -0.78 19.25
N LYS A 107 -38.20 -0.09 20.38
CA LYS A 107 -39.32 -0.34 21.25
C LYS A 107 -40.49 0.49 20.80
N ARG A 108 -41.69 0.04 21.17
CA ARG A 108 -42.93 0.62 20.70
C ARG A 108 -44.05 0.16 21.63
N ALA A 109 -45.24 0.73 21.45
CA ALA A 109 -46.41 0.30 22.20
C ALA A 109 -46.98 -0.90 21.43
N ASP A 110 -47.65 -1.80 22.13
CA ASP A 110 -48.26 -2.96 21.54
C ASP A 110 -49.24 -2.53 20.45
N ALA A 111 -49.31 -3.31 19.38
CA ALA A 111 -50.20 -3.01 18.27
C ALA A 111 -50.75 -4.33 17.79
N ALA A 112 -52.05 -4.36 17.54
CA ALA A 112 -52.68 -5.58 17.08
C ALA A 112 -52.61 -5.59 15.58
N PRO A 113 -52.56 -6.78 14.98
CA PRO A 113 -52.49 -6.95 13.53
C PRO A 113 -53.81 -6.76 12.82
N THR A 114 -53.75 -6.20 11.62
CA THR A 114 -54.87 -6.05 10.72
C THR A 114 -54.77 -7.36 9.93
N VAL A 115 -55.71 -8.27 10.10
CA VAL A 115 -55.70 -9.54 9.41
C VAL A 115 -56.49 -9.53 8.09
N SER A 116 -55.96 -10.20 7.08
CA SER A 116 -56.61 -10.28 5.77
C SER A 116 -56.48 -11.69 5.25
N ILE A 117 -57.62 -12.29 4.87
CA ILE A 117 -57.62 -13.66 4.32
C ILE A 117 -57.96 -13.62 2.82
N PHE A 118 -57.25 -14.42 2.02
CA PHE A 118 -57.48 -14.41 0.58
C PHE A 118 -57.64 -15.81 0.07
N PRO A 119 -58.75 -16.07 -0.61
CA PRO A 119 -58.97 -17.40 -1.17
C PRO A 119 -58.11 -17.63 -2.40
N PRO A 120 -57.97 -18.87 -2.83
CA PRO A 120 -57.16 -19.18 -4.00
C PRO A 120 -57.62 -18.45 -5.26
N SER A 121 -56.63 -18.07 -6.07
CA SER A 121 -56.86 -17.40 -7.34
C SER A 121 -57.46 -18.45 -8.27
N SER A 122 -58.34 -18.03 -9.16
CA SER A 122 -58.96 -18.99 -10.05
C SER A 122 -57.95 -19.58 -11.02
N GLU A 123 -56.94 -18.80 -11.35
CA GLU A 123 -55.88 -19.27 -12.23
C GLU A 123 -55.15 -20.47 -11.61
N GLN A 124 -54.93 -20.42 -10.30
CA GLN A 124 -54.22 -21.48 -9.63
C GLN A 124 -55.06 -22.75 -9.52
N LEU A 125 -56.35 -22.59 -9.23
CA LEU A 125 -57.23 -23.74 -9.12
C LEU A 125 -57.22 -24.54 -10.44
N THR A 126 -57.22 -23.82 -11.57
CA THR A 126 -57.19 -24.42 -12.89
C THR A 126 -55.94 -25.32 -13.09
N SER A 127 -54.84 -25.00 -12.40
CA SER A 127 -53.60 -25.74 -12.50
C SER A 127 -53.53 -26.85 -11.47
N GLY A 128 -54.60 -27.01 -10.69
CA GLY A 128 -54.64 -28.05 -9.68
C GLY A 128 -54.17 -27.68 -8.27
N GLY A 129 -53.86 -26.41 -8.03
CA GLY A 129 -53.39 -26.07 -6.69
C GLY A 129 -54.27 -25.04 -6.00
N ALA A 130 -54.13 -24.91 -4.69
CA ALA A 130 -54.92 -23.95 -3.95
C ALA A 130 -54.17 -23.41 -2.72
N SER A 131 -53.66 -22.19 -2.83
CA SER A 131 -52.96 -21.56 -1.74
C SER A 131 -53.85 -20.54 -1.09
N VAL A 132 -54.09 -20.68 0.21
CA VAL A 132 -54.91 -19.71 0.94
C VAL A 132 -53.91 -18.83 1.72
N VAL A 133 -53.97 -17.53 1.50
CA VAL A 133 -53.03 -16.59 2.10
C VAL A 133 -53.65 -15.69 3.16
N CYS A 134 -52.94 -15.50 4.25
CA CYS A 134 -53.40 -14.65 5.32
C CYS A 134 -52.30 -13.66 5.72
N PHE A 135 -52.58 -12.36 5.65
CA PHE A 135 -51.61 -11.35 6.06
C PHE A 135 -51.94 -10.83 7.47
N LEU A 136 -50.96 -10.79 8.37
CA LEU A 136 -51.16 -10.22 9.70
C LEU A 136 -50.23 -9.02 9.70
N ASN A 137 -50.76 -7.85 9.36
CA ASN A 137 -49.97 -6.64 9.25
C ASN A 137 -49.84 -5.64 10.40
N ASN A 138 -48.63 -5.07 10.50
CA ASN A 138 -48.26 -4.04 11.49
C ASN A 138 -48.63 -4.28 12.93
N PHE A 139 -48.00 -5.26 13.55
CA PHE A 139 -48.30 -5.56 14.93
C PHE A 139 -47.01 -5.44 15.70
N TYR A 140 -47.13 -5.42 17.03
CA TYR A 140 -45.99 -5.34 17.93
C TYR A 140 -46.44 -5.90 19.26
N PRO A 141 -45.61 -6.74 19.90
CA PRO A 141 -44.28 -7.23 19.49
C PRO A 141 -44.30 -8.33 18.43
N LYS A 142 -43.12 -8.83 18.06
CA LYS A 142 -43.00 -9.86 17.04
C LYS A 142 -43.65 -11.18 17.39
N ASP A 143 -43.83 -11.48 18.66
CA ASP A 143 -44.48 -12.72 19.06
C ASP A 143 -45.95 -12.68 18.66
N ILE A 144 -46.32 -13.59 17.76
CA ILE A 144 -47.68 -13.72 17.21
C ILE A 144 -47.77 -15.16 16.67
N ASN A 145 -48.89 -15.84 16.90
CA ASN A 145 -49.04 -17.19 16.37
C ASN A 145 -50.25 -17.18 15.45
N VAL A 146 -50.18 -17.95 14.37
CA VAL A 146 -51.26 -18.05 13.40
C VAL A 146 -51.78 -19.47 13.41
N LYS A 147 -53.09 -19.64 13.35
CA LYS A 147 -53.67 -20.97 13.30
C LYS A 147 -54.72 -21.02 12.17
N TRP A 148 -54.71 -22.13 11.45
CA TRP A 148 -55.65 -22.34 10.36
C TRP A 148 -56.66 -23.38 10.77
N LYS A 149 -57.89 -23.15 10.33
CA LYS A 149 -59.00 -24.07 10.61
C LYS A 149 -59.79 -24.24 9.31
N ILE A 150 -59.97 -25.49 8.91
CA ILE A 150 -60.72 -25.81 7.71
C ILE A 150 -61.99 -26.48 8.22
N ASP A 151 -63.13 -25.92 7.88
CA ASP A 151 -64.38 -26.46 8.37
C ASP A 151 -64.34 -26.68 9.88
N GLY A 152 -63.72 -25.74 10.60
CA GLY A 152 -63.62 -25.86 12.04
C GLY A 152 -62.49 -26.68 12.65
N SER A 153 -61.73 -27.46 11.86
CA SER A 153 -60.63 -28.25 12.40
C SER A 153 -59.30 -27.62 12.04
N GLU A 154 -58.39 -27.56 13.02
CA GLU A 154 -57.08 -26.97 12.83
C GLU A 154 -56.16 -27.82 11.98
N ARG A 155 -55.53 -27.22 10.97
CA ARG A 155 -54.61 -27.97 10.12
C ARG A 155 -53.24 -27.31 10.23
N GLN A 156 -52.24 -28.10 10.60
CA GLN A 156 -50.87 -27.58 10.75
C GLN A 156 -50.13 -27.84 9.46
N ASN A 157 -50.46 -28.96 8.85
CA ASN A 157 -49.86 -29.37 7.60
C ASN A 157 -50.07 -28.37 6.44
N GLY A 158 -48.97 -28.02 5.77
CA GLY A 158 -49.02 -27.12 4.62
C GLY A 158 -48.88 -25.63 4.84
N VAL A 159 -48.47 -25.21 6.04
CA VAL A 159 -48.35 -23.80 6.34
C VAL A 159 -46.94 -23.21 6.24
N LEU A 160 -46.82 -22.11 5.51
CA LEU A 160 -45.55 -21.42 5.31
C LEU A 160 -45.67 -20.02 5.90
N ASN A 161 -44.88 -19.73 6.92
CA ASN A 161 -44.92 -18.40 7.57
C ASN A 161 -43.71 -17.56 7.24
N SER A 162 -43.90 -16.25 7.07
CA SER A 162 -42.77 -15.36 6.75
C SER A 162 -42.99 -14.02 7.43
N TRP A 163 -41.94 -13.46 8.04
CA TRP A 163 -42.02 -12.19 8.75
C TRP A 163 -41.11 -11.15 8.11
N THR A 164 -41.57 -9.90 8.07
CA THR A 164 -40.75 -8.85 7.53
C THR A 164 -39.88 -8.38 8.68
N ASP A 165 -39.00 -7.45 8.37
CA ASP A 165 -38.11 -6.86 9.35
C ASP A 165 -38.91 -5.71 9.96
N GLN A 166 -38.49 -5.22 11.12
CA GLN A 166 -39.16 -4.13 11.80
C GLN A 166 -39.23 -2.92 10.88
N ASP A 167 -40.41 -2.31 10.81
CA ASP A 167 -40.72 -1.18 9.94
C ASP A 167 -40.00 0.07 10.37
N SER A 168 -39.35 0.72 9.41
CA SER A 168 -38.60 1.93 9.68
C SER A 168 -39.42 3.15 10.10
N LYS A 169 -40.71 3.17 9.76
CA LYS A 169 -41.55 4.32 10.12
C LYS A 169 -42.36 4.22 11.42
N ASP A 170 -42.91 3.05 11.73
CA ASP A 170 -43.73 2.87 12.93
C ASP A 170 -43.29 1.73 13.85
N SER A 171 -42.15 1.12 13.52
CA SER A 171 -41.53 0.06 14.31
C SER A 171 -42.31 -1.24 14.56
N THR A 172 -43.26 -1.53 13.69
CA THR A 172 -44.07 -2.75 13.84
C THR A 172 -43.52 -3.89 12.96
N TYR A 173 -44.13 -5.07 13.05
CA TYR A 173 -43.77 -6.21 12.23
C TYR A 173 -45.00 -6.56 11.43
N SER A 174 -44.81 -7.38 10.41
CA SER A 174 -45.90 -7.90 9.57
C SER A 174 -45.52 -9.34 9.23
N MET A 175 -46.51 -10.19 8.97
CA MET A 175 -46.22 -11.55 8.60
C MET A 175 -47.23 -12.09 7.65
N SER A 176 -46.85 -13.13 6.92
CA SER A 176 -47.78 -13.77 5.99
C SER A 176 -47.74 -15.25 6.24
N SER A 177 -48.92 -15.87 6.19
CA SER A 177 -49.05 -17.29 6.38
C SER A 177 -49.80 -17.81 5.15
N THR A 178 -49.25 -18.86 4.55
CA THR A 178 -49.83 -19.44 3.35
C THR A 178 -50.11 -20.89 3.62
N LEU A 179 -51.34 -21.30 3.39
CA LEU A 179 -51.72 -22.71 3.56
C LEU A 179 -51.86 -23.22 2.11
N THR A 180 -51.07 -24.21 1.76
CA THR A 180 -51.13 -24.75 0.41
C THR A 180 -51.81 -26.11 0.40
N LEU A 181 -52.89 -26.19 -0.38
CA LEU A 181 -53.66 -27.41 -0.50
C LEU A 181 -53.76 -27.77 -1.97
N THR A 182 -54.22 -28.99 -2.25
CA THR A 182 -54.42 -29.38 -3.64
C THR A 182 -55.82 -28.88 -3.95
N LYS A 183 -56.11 -28.63 -5.22
CA LYS A 183 -57.44 -28.19 -5.64
C LYS A 183 -58.55 -29.14 -5.14
N ASP A 184 -58.24 -30.43 -5.06
CA ASP A 184 -59.20 -31.43 -4.58
C ASP A 184 -59.57 -31.29 -3.10
N GLU A 185 -58.57 -31.13 -2.22
CA GLU A 185 -58.79 -30.95 -0.77
C GLU A 185 -59.55 -29.66 -0.54
N TYR A 186 -59.26 -28.64 -1.35
CA TYR A 186 -59.91 -27.34 -1.23
C TYR A 186 -61.39 -27.36 -1.57
N GLU A 187 -61.73 -28.05 -2.66
CA GLU A 187 -63.10 -28.17 -3.15
C GLU A 187 -63.97 -29.08 -2.28
N ARG A 188 -63.31 -29.75 -1.36
CA ARG A 188 -63.90 -30.71 -0.44
C ARG A 188 -64.31 -30.05 0.87
N HIS A 189 -64.02 -28.76 1.03
CA HIS A 189 -64.33 -28.06 2.26
C HIS A 189 -64.93 -26.72 1.99
N ASN A 190 -65.55 -26.13 3.01
CA ASN A 190 -66.18 -24.83 2.81
C ASN A 190 -65.62 -23.63 3.57
N SER A 191 -65.46 -23.74 4.89
CA SER A 191 -64.98 -22.59 5.64
C SER A 191 -63.47 -22.56 5.89
N TYR A 192 -62.85 -21.41 5.60
CA TYR A 192 -61.40 -21.25 5.76
C TYR A 192 -61.12 -20.10 6.75
N THR A 193 -60.47 -20.45 7.84
CA THR A 193 -60.19 -19.50 8.90
C THR A 193 -58.73 -19.38 9.32
N CYS A 194 -58.31 -18.14 9.46
CA CYS A 194 -56.97 -17.76 9.92
C CYS A 194 -57.16 -16.98 11.23
N GLU A 195 -56.48 -17.38 12.29
CA GLU A 195 -56.60 -16.61 13.52
C GLU A 195 -55.27 -16.31 14.19
N ALA A 196 -55.10 -15.03 14.51
CA ALA A 196 -53.91 -14.50 15.16
C ALA A 196 -54.05 -14.65 16.67
N THR A 197 -52.98 -15.08 17.32
CA THR A 197 -53.00 -15.29 18.76
C THR A 197 -51.82 -14.60 19.44
N HIS A 198 -52.11 -13.74 20.43
CA HIS A 198 -51.09 -13.05 21.22
C HIS A 198 -51.68 -12.20 22.35
N LYS A 199 -51.09 -12.32 23.54
CA LYS A 199 -51.57 -11.54 24.69
C LYS A 199 -51.39 -10.05 24.44
N THR A 200 -52.48 -9.44 23.99
CA THR A 200 -52.57 -8.02 23.69
C THR A 200 -54.07 -7.90 23.65
N SER A 201 -54.65 -8.47 22.61
CA SER A 201 -56.08 -8.47 22.42
C SER A 201 -56.63 -9.35 23.53
N THR A 202 -57.86 -9.07 23.94
CA THR A 202 -58.51 -9.85 24.99
C THR A 202 -58.55 -11.33 24.62
N SER A 203 -58.26 -11.62 23.34
CA SER A 203 -58.27 -12.98 22.81
C SER A 203 -57.90 -12.94 21.33
N PRO A 204 -58.17 -14.02 20.55
CA PRO A 204 -57.80 -14.03 19.14
C PRO A 204 -58.49 -13.08 18.17
N ILE A 205 -57.84 -12.86 17.04
CA ILE A 205 -58.36 -12.05 15.95
C ILE A 205 -58.59 -13.11 14.86
N VAL A 206 -59.77 -13.11 14.27
CA VAL A 206 -60.14 -14.13 13.30
C VAL A 206 -60.60 -13.57 11.98
N LYS A 207 -60.27 -14.27 10.90
CA LYS A 207 -60.69 -13.89 9.54
C LYS A 207 -61.05 -15.19 8.86
N SER A 208 -62.17 -15.19 8.13
CA SER A 208 -62.65 -16.41 7.49
C SER A 208 -63.30 -16.08 6.17
N PHE A 209 -63.50 -17.12 5.35
CA PHE A 209 -64.24 -16.99 4.10
C PHE A 209 -64.85 -18.35 3.86
N ASN A 210 -65.96 -18.38 3.13
CA ASN A 210 -66.68 -19.63 2.77
C ASN A 210 -66.48 -19.80 1.27
N ARG A 211 -65.97 -20.97 0.88
CA ARG A 211 -65.71 -21.24 -0.52
C ARG A 211 -66.96 -21.05 -1.38
N ASN A 212 -68.10 -21.55 -0.89
CA ASN A 212 -69.37 -21.48 -1.63
C ASN A 212 -69.80 -20.08 -2.08
N GLU A 213 -69.62 -19.09 -1.22
CA GLU A 213 -69.98 -17.72 -1.57
C GLU A 213 -68.87 -17.25 -2.50
N CYS A 214 -69.20 -16.45 -3.51
CA CYS A 214 -68.18 -15.99 -4.45
C CYS A 214 -68.11 -14.45 -4.61
N GLN B 1 -25.12 12.73 -9.56
CA GLN B 1 -24.91 11.74 -8.48
C GLN B 1 -23.71 10.83 -8.83
N VAL B 2 -23.08 10.30 -7.80
CA VAL B 2 -21.94 9.41 -7.94
C VAL B 2 -22.46 7.98 -7.78
N LYS B 3 -22.18 7.09 -8.72
CA LYS B 3 -22.76 5.74 -8.70
C LYS B 3 -21.94 4.54 -9.18
N LEU B 4 -22.17 3.38 -8.55
CA LEU B 4 -21.52 2.10 -8.84
C LEU B 4 -22.65 1.12 -9.21
N LEU B 5 -22.76 0.76 -10.48
CA LEU B 5 -23.83 -0.12 -10.92
C LEU B 5 -23.39 -1.55 -11.22
N GLU B 6 -23.84 -2.51 -10.42
CA GLU B 6 -23.45 -3.89 -10.62
C GLU B 6 -24.29 -4.70 -11.60
N SER B 7 -23.74 -5.82 -12.07
CA SER B 7 -24.44 -6.69 -13.02
C SER B 7 -25.55 -7.48 -12.31
N GLY B 8 -26.48 -8.03 -13.11
CA GLY B 8 -27.60 -8.80 -12.58
C GLY B 8 -27.32 -10.11 -11.86
N ALA B 9 -28.29 -10.56 -11.06
CA ALA B 9 -28.17 -11.80 -10.30
C ALA B 9 -27.93 -12.93 -11.29
N VAL B 10 -27.09 -13.88 -10.92
CA VAL B 10 -26.78 -14.99 -11.82
C VAL B 10 -26.84 -16.34 -11.16
N LEU B 11 -27.26 -17.33 -11.93
CA LEU B 11 -27.29 -18.70 -11.48
C LEU B 11 -26.15 -19.31 -12.29
N VAL B 12 -25.26 -20.06 -11.65
CA VAL B 12 -24.14 -20.68 -12.34
C VAL B 12 -23.92 -22.06 -11.78
N LYS B 13 -23.43 -22.96 -12.63
CA LYS B 13 -23.20 -24.34 -12.20
C LYS B 13 -21.91 -24.53 -11.45
N PRO B 14 -21.88 -25.50 -10.55
CA PRO B 14 -20.69 -25.79 -9.77
C PRO B 14 -19.53 -26.06 -10.73
N GLY B 15 -18.35 -25.54 -10.40
CA GLY B 15 -17.19 -25.77 -11.22
C GLY B 15 -17.07 -24.80 -12.37
N ALA B 16 -18.05 -23.93 -12.55
CA ALA B 16 -18.00 -22.94 -13.63
C ALA B 16 -17.35 -21.65 -13.11
N SER B 17 -17.34 -20.59 -13.92
CA SER B 17 -16.77 -19.34 -13.48
C SER B 17 -17.71 -18.21 -13.86
N VAL B 18 -17.61 -17.09 -13.14
CA VAL B 18 -18.42 -15.90 -13.44
C VAL B 18 -17.57 -14.67 -13.50
N LYS B 19 -18.03 -13.71 -14.29
CA LYS B 19 -17.36 -12.44 -14.43
C LYS B 19 -18.42 -11.42 -14.06
N LEU B 20 -18.18 -10.75 -12.95
CA LEU B 20 -19.09 -9.75 -12.43
C LEU B 20 -18.60 -8.36 -12.86
N SER B 21 -19.55 -7.48 -13.18
CA SER B 21 -19.19 -6.13 -13.59
C SER B 21 -19.67 -5.06 -12.59
N CYS B 22 -19.02 -3.91 -12.63
CA CYS B 22 -19.30 -2.83 -11.71
C CYS B 22 -19.00 -1.55 -12.47
N LYS B 23 -20.03 -0.99 -13.09
CA LYS B 23 -19.89 0.25 -13.85
C LYS B 23 -19.89 1.41 -12.88
N THR B 24 -19.00 2.37 -13.06
CA THR B 24 -18.94 3.50 -12.16
C THR B 24 -19.19 4.84 -12.85
N SER B 25 -19.59 5.84 -12.08
CA SER B 25 -19.81 7.16 -12.63
C SER B 25 -19.89 8.15 -11.50
N GLY B 26 -19.72 9.44 -11.81
CA GLY B 26 -19.82 10.46 -10.80
C GLY B 26 -18.59 10.73 -9.96
N PHE B 27 -17.54 9.93 -10.13
CA PHE B 27 -16.31 10.17 -9.38
C PHE B 27 -15.12 9.81 -10.28
N THR B 28 -13.93 10.31 -9.92
CA THR B 28 -12.73 10.03 -10.70
C THR B 28 -12.42 8.56 -10.54
N PHE B 29 -12.41 7.87 -11.67
CA PHE B 29 -12.16 6.45 -11.68
C PHE B 29 -10.68 6.10 -11.41
N SER B 30 -9.77 6.79 -12.07
CA SER B 30 -8.34 6.55 -11.95
C SER B 30 -7.76 6.49 -10.54
N SER B 31 -8.26 7.34 -9.65
CA SER B 31 -7.76 7.36 -8.28
C SER B 31 -8.50 6.41 -7.35
N SER B 32 -9.40 5.61 -7.92
CA SER B 32 -10.21 4.67 -7.14
C SER B 32 -9.61 3.33 -6.81
N TYR B 33 -9.84 2.88 -5.59
CA TYR B 33 -9.43 1.56 -5.20
C TYR B 33 -10.81 0.89 -5.20
N ILE B 34 -11.03 0.04 -6.21
CA ILE B 34 -12.30 -0.71 -6.32
C ILE B 34 -12.12 -2.01 -5.53
N ASN B 35 -12.96 -2.19 -4.55
CA ASN B 35 -12.93 -3.36 -3.69
C ASN B 35 -14.12 -4.26 -4.00
N TRP B 36 -13.98 -5.54 -3.70
CA TRP B 36 -15.04 -6.53 -3.92
C TRP B 36 -15.17 -7.26 -2.61
N LEU B 37 -16.40 -7.41 -2.16
CA LEU B 37 -16.70 -8.06 -0.88
C LEU B 37 -17.81 -9.09 -1.07
N LYS B 38 -17.81 -10.08 -0.20
CA LYS B 38 -18.77 -11.16 -0.24
C LYS B 38 -19.62 -11.12 1.03
N GLN B 39 -20.93 -11.31 0.89
CA GLN B 39 -21.80 -11.32 2.05
C GLN B 39 -22.87 -12.39 1.97
N LYS B 40 -22.79 -13.39 2.84
CA LYS B 40 -23.80 -14.44 2.90
C LYS B 40 -24.95 -13.86 3.72
N PRO B 41 -26.19 -14.01 3.20
CA PRO B 41 -27.42 -13.53 3.83
C PRO B 41 -27.44 -13.72 5.33
N GLY B 42 -27.54 -12.59 6.03
CA GLY B 42 -27.56 -12.62 7.48
C GLY B 42 -26.21 -12.86 8.10
N GLN B 43 -25.15 -12.39 7.45
CA GLN B 43 -23.82 -12.55 7.99
C GLN B 43 -22.99 -11.29 7.73
N SER B 44 -21.76 -11.26 8.22
CA SER B 44 -20.94 -10.07 8.00
C SER B 44 -20.32 -10.04 6.61
N LEU B 45 -19.62 -8.95 6.31
CA LEU B 45 -18.97 -8.80 5.02
C LEU B 45 -17.57 -9.36 5.07
N GLU B 46 -17.18 -9.92 3.94
CA GLU B 46 -15.87 -10.52 3.78
C GLU B 46 -15.18 -9.76 2.68
N TRP B 47 -13.98 -9.29 2.93
CA TRP B 47 -13.26 -8.56 1.90
C TRP B 47 -12.52 -9.58 1.03
N ILE B 48 -12.62 -9.42 -0.29
CA ILE B 48 -11.98 -10.32 -1.21
C ILE B 48 -10.66 -9.75 -1.75
N ALA B 49 -10.70 -8.54 -2.30
CA ALA B 49 -9.53 -7.92 -2.88
C ALA B 49 -9.86 -6.52 -3.37
N TRP B 50 -8.83 -5.76 -3.74
CA TRP B 50 -9.02 -4.43 -4.34
C TRP B 50 -8.07 -4.31 -5.51
N ILE B 51 -8.33 -3.34 -6.37
CA ILE B 51 -7.49 -3.08 -7.51
C ILE B 51 -7.42 -1.56 -7.58
N TYR B 52 -6.21 -1.03 -7.75
CA TYR B 52 -6.06 0.40 -7.89
C TYR B 52 -6.27 0.64 -9.38
N ALA B 53 -7.28 1.41 -9.72
CA ALA B 53 -7.59 1.64 -11.12
C ALA B 53 -6.49 2.37 -11.85
N GLY B 54 -5.68 3.09 -11.09
CA GLY B 54 -4.61 3.85 -11.70
C GLY B 54 -3.44 3.05 -12.24
N SER B 55 -3.13 1.94 -11.59
CA SER B 55 -2.01 1.11 -12.00
C SER B 55 -2.41 -0.27 -12.44
N GLY B 56 -3.53 -0.76 -11.93
CA GLY B 56 -3.95 -2.11 -12.27
C GLY B 56 -3.39 -3.01 -11.20
N GLY B 57 -2.80 -2.39 -10.16
CA GLY B 57 -2.22 -3.13 -9.06
C GLY B 57 -3.33 -3.73 -8.22
N THR B 58 -3.16 -4.99 -7.82
CA THR B 58 -4.16 -5.67 -7.04
C THR B 58 -3.64 -6.19 -5.71
N VAL B 59 -4.53 -6.26 -4.73
CA VAL B 59 -4.20 -6.78 -3.41
C VAL B 59 -5.36 -7.71 -3.06
N TYR B 60 -5.00 -8.96 -2.79
CA TYR B 60 -5.95 -10.03 -2.50
C TYR B 60 -5.93 -10.59 -1.09
N ASN B 61 -7.10 -10.98 -0.64
CA ASN B 61 -7.22 -11.66 0.62
C ASN B 61 -6.63 -13.02 0.23
N GLN B 62 -5.63 -13.50 0.97
CA GLN B 62 -4.99 -14.76 0.65
C GLN B 62 -5.96 -15.95 0.56
N HIS B 63 -7.15 -15.79 1.12
CA HIS B 63 -8.14 -16.86 1.07
C HIS B 63 -8.88 -16.89 -0.27
N PHE B 64 -8.63 -15.89 -1.12
CA PHE B 64 -9.30 -15.80 -2.40
C PHE B 64 -8.34 -15.71 -3.58
N THR B 65 -7.05 -15.87 -3.34
CA THR B 65 -6.11 -15.85 -4.44
C THR B 65 -6.30 -17.18 -5.17
N ASP B 66 -6.11 -17.18 -6.49
CA ASP B 66 -6.29 -18.39 -7.31
C ASP B 66 -7.78 -18.66 -7.54
N LYS B 67 -8.63 -17.86 -6.89
CA LYS B 67 -10.08 -17.97 -7.02
C LYS B 67 -10.62 -16.74 -7.76
N ALA B 68 -10.21 -15.55 -7.33
CA ALA B 68 -10.69 -14.30 -7.92
C ALA B 68 -9.66 -13.63 -8.77
N ARG B 69 -10.12 -12.87 -9.76
CA ARG B 69 -9.26 -12.13 -10.66
C ARG B 69 -9.90 -10.79 -10.99
N LEU B 70 -9.27 -9.70 -10.55
CA LEU B 70 -9.80 -8.35 -10.81
C LEU B 70 -9.11 -7.63 -11.95
N THR B 71 -9.90 -6.91 -12.72
CA THR B 71 -9.40 -6.13 -13.83
C THR B 71 -10.20 -4.84 -13.84
N VAL B 72 -9.81 -3.93 -14.71
CA VAL B 72 -10.47 -2.67 -14.74
C VAL B 72 -10.45 -2.24 -16.19
N ASP B 73 -11.41 -1.43 -16.59
CA ASP B 73 -11.46 -0.93 -17.96
C ASP B 73 -11.62 0.57 -17.78
N THR B 74 -10.50 1.27 -17.82
CA THR B 74 -10.50 2.71 -17.62
C THR B 74 -11.31 3.51 -18.64
N SER B 75 -11.37 3.07 -19.89
CA SER B 75 -12.14 3.82 -20.87
C SER B 75 -13.64 3.83 -20.61
N SER B 76 -14.13 2.79 -19.94
CA SER B 76 -15.56 2.70 -19.61
C SER B 76 -15.78 2.74 -18.11
N SER B 77 -14.73 3.10 -17.37
CA SER B 77 -14.82 3.20 -15.91
C SER B 77 -15.54 2.00 -15.29
N THR B 78 -15.20 0.81 -15.74
CA THR B 78 -15.84 -0.38 -15.23
C THR B 78 -14.81 -1.31 -14.63
N ALA B 79 -15.18 -1.93 -13.52
CA ALA B 79 -14.32 -2.87 -12.83
C ALA B 79 -14.95 -4.25 -12.99
N TYR B 80 -14.12 -5.29 -13.00
CA TYR B 80 -14.60 -6.65 -13.14
C TYR B 80 -13.95 -7.60 -12.18
N MET B 81 -14.71 -8.58 -11.73
CA MET B 81 -14.18 -9.63 -10.90
C MET B 81 -14.56 -10.96 -11.55
N GLN B 82 -13.55 -11.77 -11.83
CA GLN B 82 -13.76 -13.10 -12.40
C GLN B 82 -13.53 -14.08 -11.26
N PHE B 83 -14.57 -14.81 -10.90
CA PHE B 83 -14.52 -15.77 -9.80
C PHE B 83 -14.56 -17.13 -10.53
N SER B 84 -13.65 -18.02 -10.17
CA SER B 84 -13.58 -19.33 -10.82
C SER B 84 -13.79 -20.49 -9.87
N SER B 85 -13.92 -21.69 -10.45
CA SER B 85 -14.10 -22.92 -9.66
C SER B 85 -15.19 -22.76 -8.60
N LEU B 86 -16.32 -22.18 -9.00
CA LEU B 86 -17.41 -21.94 -8.06
C LEU B 86 -17.91 -23.21 -7.39
N THR B 87 -18.26 -23.09 -6.12
CA THR B 87 -18.81 -24.19 -5.35
C THR B 87 -20.09 -23.59 -4.76
N THR B 88 -20.99 -24.43 -4.29
CA THR B 88 -22.25 -23.94 -3.72
C THR B 88 -22.05 -23.00 -2.52
N GLU B 89 -20.87 -23.08 -1.90
CA GLU B 89 -20.55 -22.22 -0.77
C GLU B 89 -20.19 -20.81 -1.21
N ASP B 90 -20.05 -20.60 -2.51
CA ASP B 90 -19.73 -19.29 -3.05
C ASP B 90 -21.01 -18.52 -3.32
N SER B 91 -22.15 -19.15 -3.06
CA SER B 91 -23.44 -18.49 -3.29
C SER B 91 -23.52 -17.36 -2.26
N ALA B 92 -23.69 -16.13 -2.71
CA ALA B 92 -23.76 -15.01 -1.79
C ALA B 92 -23.95 -13.77 -2.59
N ILE B 93 -24.04 -12.62 -1.89
CA ILE B 93 -24.13 -11.34 -2.56
C ILE B 93 -22.71 -10.78 -2.64
N TYR B 94 -22.38 -10.24 -3.80
CA TYR B 94 -21.06 -9.66 -4.07
C TYR B 94 -21.18 -8.19 -4.32
N TYR B 95 -20.45 -7.39 -3.55
CA TYR B 95 -20.47 -5.95 -3.71
C TYR B 95 -19.13 -5.42 -4.20
N CYS B 96 -19.17 -4.29 -4.90
CA CYS B 96 -17.96 -3.61 -5.29
C CYS B 96 -18.14 -2.28 -4.52
N ALA B 97 -17.04 -1.69 -4.07
CA ALA B 97 -17.11 -0.47 -3.31
C ALA B 97 -15.87 0.34 -3.64
N ARG B 98 -15.98 1.66 -3.60
CA ARG B 98 -14.85 2.54 -3.86
C ARG B 98 -14.28 3.05 -2.56
N TYR B 99 -12.94 2.98 -2.44
CA TYR B 99 -12.23 3.52 -1.30
C TYR B 99 -11.27 4.59 -1.79
N ARG B 100 -11.01 5.57 -0.95
CA ARG B 100 -10.02 6.64 -1.18
C ARG B 100 -9.60 7.04 0.18
N TYR B 101 -8.32 7.35 0.37
CA TYR B 101 -7.82 7.73 1.68
C TYR B 101 -8.61 8.86 2.33
N ASP B 102 -9.20 9.74 1.51
CA ASP B 102 -9.96 10.86 2.02
C ASP B 102 -11.45 10.60 2.21
N GLU B 103 -11.91 9.37 1.95
CA GLU B 103 -13.33 9.11 2.11
C GLU B 103 -13.79 7.79 2.63
N GLY B 104 -12.87 6.84 2.75
CA GLY B 104 -13.24 5.52 3.18
C GLY B 104 -14.06 4.86 2.08
N PHE B 105 -14.82 3.83 2.44
CA PHE B 105 -15.67 3.10 1.50
C PHE B 105 -16.97 3.85 1.40
N ALA B 106 -16.96 4.98 0.70
CA ALA B 106 -18.10 5.83 0.57
C ALA B 106 -19.13 5.40 -0.46
N TYR B 107 -18.68 4.78 -1.54
CA TYR B 107 -19.59 4.33 -2.58
C TYR B 107 -19.67 2.80 -2.66
N TRP B 108 -20.89 2.28 -2.76
CA TRP B 108 -21.13 0.85 -2.83
C TRP B 108 -22.06 0.52 -3.97
N GLY B 109 -21.89 -0.64 -4.59
CA GLY B 109 -22.78 -1.04 -5.65
C GLY B 109 -23.98 -1.69 -4.97
N GLN B 110 -25.04 -1.96 -5.73
CA GLN B 110 -26.25 -2.56 -5.13
C GLN B 110 -26.14 -4.05 -4.74
N GLY B 111 -25.09 -4.72 -5.18
CA GLY B 111 -24.87 -6.12 -4.87
C GLY B 111 -25.36 -7.00 -6.00
N THR B 112 -24.72 -8.15 -6.18
CA THR B 112 -25.11 -9.12 -7.21
C THR B 112 -25.25 -10.45 -6.50
N LEU B 113 -26.43 -11.06 -6.57
CA LEU B 113 -26.63 -12.35 -5.93
C LEU B 113 -26.23 -13.45 -6.92
N VAL B 114 -25.24 -14.24 -6.53
CA VAL B 114 -24.70 -15.31 -7.35
C VAL B 114 -25.11 -16.60 -6.70
N THR B 115 -25.81 -17.45 -7.44
CA THR B 115 -26.23 -18.73 -6.92
C THR B 115 -25.47 -19.83 -7.68
N VAL B 116 -24.82 -20.72 -6.96
CA VAL B 116 -24.06 -21.80 -7.59
C VAL B 116 -24.85 -23.05 -7.31
N SER B 117 -25.46 -23.56 -8.36
CA SER B 117 -26.28 -24.74 -8.28
C SER B 117 -26.33 -25.46 -9.62
N ALA B 118 -26.53 -26.77 -9.53
CA ALA B 118 -26.65 -27.64 -10.69
C ALA B 118 -28.06 -27.57 -11.28
N ALA B 119 -29.03 -27.13 -10.47
CA ALA B 119 -30.44 -27.00 -10.90
C ALA B 119 -30.70 -25.87 -11.87
N LYS B 120 -31.70 -26.03 -12.72
CA LYS B 120 -32.05 -25.02 -13.70
C LYS B 120 -33.04 -24.04 -13.11
N THR B 121 -33.20 -22.90 -13.78
CA THR B 121 -34.11 -21.85 -13.35
C THR B 121 -35.57 -22.21 -13.57
N THR B 122 -36.38 -21.92 -12.57
CA THR B 122 -37.80 -22.14 -12.68
C THR B 122 -38.44 -20.80 -12.46
N PRO B 123 -39.12 -20.29 -13.48
CA PRO B 123 -39.79 -19.00 -13.36
C PRO B 123 -40.94 -19.11 -12.36
N PRO B 124 -41.32 -18.00 -11.72
CA PRO B 124 -42.42 -18.07 -10.76
C PRO B 124 -43.82 -18.03 -11.37
N SER B 125 -44.79 -18.57 -10.65
CA SER B 125 -46.18 -18.51 -11.06
C SER B 125 -46.69 -17.33 -10.21
N VAL B 126 -47.27 -16.34 -10.85
CA VAL B 126 -47.76 -15.18 -10.13
C VAL B 126 -49.28 -15.20 -10.05
N TYR B 127 -49.81 -15.13 -8.84
CA TYR B 127 -51.24 -15.13 -8.64
C TYR B 127 -51.74 -13.88 -7.94
N PRO B 128 -52.79 -13.24 -8.47
CA PRO B 128 -53.34 -12.01 -7.87
C PRO B 128 -54.18 -12.42 -6.65
N LEU B 129 -54.06 -11.68 -5.56
CA LEU B 129 -54.82 -11.98 -4.35
C LEU B 129 -55.80 -10.86 -4.12
N ALA B 130 -57.07 -11.13 -4.39
CA ALA B 130 -58.14 -10.16 -4.22
C ALA B 130 -59.02 -10.64 -3.06
N PRO B 131 -59.63 -9.71 -2.34
CA PRO B 131 -60.49 -10.14 -1.22
C PRO B 131 -61.81 -10.68 -1.78
N GLY B 132 -62.47 -11.56 -1.03
CA GLY B 132 -63.75 -12.11 -1.46
C GLY B 132 -64.94 -11.19 -1.18
N SER B 133 -66.13 -11.52 -1.72
CA SER B 133 -67.32 -10.71 -1.51
C SER B 133 -67.72 -10.82 -0.05
N ALA B 134 -66.99 -10.13 0.83
CA ALA B 134 -67.27 -10.20 2.25
C ALA B 134 -66.44 -9.30 3.13
N ALA B 135 -65.19 -9.01 2.74
CA ALA B 135 -64.32 -8.18 3.58
C ALA B 135 -64.33 -6.69 3.21
N GLN B 136 -63.12 -6.15 2.96
CA GLN B 136 -62.95 -4.76 2.54
C GLN B 136 -63.65 -3.72 3.43
N THR B 137 -64.94 -3.48 3.18
CA THR B 137 -65.78 -2.51 3.89
C THR B 137 -65.10 -1.72 5.00
N ASN B 138 -64.33 -0.71 4.58
CA ASN B 138 -63.59 0.13 5.51
C ASN B 138 -62.92 1.21 4.66
N SER B 139 -62.06 2.02 5.27
CA SER B 139 -61.35 3.07 4.58
C SER B 139 -60.12 2.53 3.84
N MET B 140 -59.56 1.44 4.35
CA MET B 140 -58.38 0.82 3.73
C MET B 140 -58.71 -0.56 3.18
N VAL B 141 -58.06 -0.94 2.09
CA VAL B 141 -58.26 -2.26 1.49
C VAL B 141 -56.91 -2.89 1.13
N THR B 142 -56.70 -4.12 1.54
CA THR B 142 -55.44 -4.84 1.28
C THR B 142 -55.56 -5.84 0.13
N LEU B 143 -54.68 -5.69 -0.86
CA LEU B 143 -54.60 -6.58 -2.01
C LEU B 143 -53.26 -7.30 -1.87
N GLY B 144 -53.03 -8.36 -2.64
CA GLY B 144 -51.77 -9.07 -2.53
C GLY B 144 -51.39 -9.77 -3.82
N CYS B 145 -50.20 -10.36 -3.84
CA CYS B 145 -49.70 -11.10 -5.00
C CYS B 145 -48.89 -12.24 -4.48
N LEU B 146 -49.13 -13.44 -4.98
CA LEU B 146 -48.35 -14.59 -4.53
C LEU B 146 -47.35 -14.92 -5.65
N VAL B 147 -46.07 -15.03 -5.29
CA VAL B 147 -44.99 -15.31 -6.25
C VAL B 147 -44.46 -16.65 -5.82
N LYS B 148 -44.98 -17.66 -6.50
CA LYS B 148 -44.73 -19.07 -6.18
C LYS B 148 -43.84 -19.96 -7.04
N GLY B 149 -43.07 -20.79 -6.34
CA GLY B 149 -42.19 -21.78 -6.95
C GLY B 149 -41.20 -21.34 -7.99
N TYR B 150 -40.23 -20.50 -7.60
CA TYR B 150 -39.22 -20.01 -8.52
C TYR B 150 -37.81 -20.33 -8.01
N PHE B 151 -36.85 -20.26 -8.91
CA PHE B 151 -35.47 -20.53 -8.55
C PHE B 151 -34.59 -20.01 -9.68
N PRO B 152 -33.50 -19.32 -9.33
CA PRO B 152 -33.16 -19.06 -7.93
C PRO B 152 -33.63 -17.65 -7.52
N GLU B 153 -33.21 -17.23 -6.35
CA GLU B 153 -33.50 -15.90 -5.86
C GLU B 153 -32.69 -14.96 -6.72
N PRO B 154 -33.09 -13.67 -6.83
CA PRO B 154 -34.27 -13.11 -6.18
C PRO B 154 -35.33 -12.72 -7.21
N VAL B 155 -36.41 -12.13 -6.71
CA VAL B 155 -37.47 -11.58 -7.57
C VAL B 155 -37.68 -10.18 -7.01
N THR B 156 -38.16 -9.29 -7.84
CA THR B 156 -38.41 -7.93 -7.43
C THR B 156 -39.89 -7.78 -7.59
N VAL B 157 -40.55 -7.12 -6.64
CA VAL B 157 -41.97 -6.88 -6.74
C VAL B 157 -42.27 -5.41 -6.49
N THR B 158 -42.97 -4.78 -7.44
CA THR B 158 -43.38 -3.39 -7.30
C THR B 158 -44.87 -3.37 -7.56
N TRP B 159 -45.51 -2.25 -7.25
CA TRP B 159 -46.95 -2.11 -7.49
C TRP B 159 -47.11 -0.88 -8.33
N ASN B 160 -47.90 -1.04 -9.40
CA ASN B 160 -48.13 0.04 -10.35
C ASN B 160 -46.82 0.67 -10.79
N SER B 161 -45.84 -0.18 -11.11
CA SER B 161 -44.54 0.29 -11.55
C SER B 161 -43.86 1.27 -10.59
N GLY B 162 -44.05 1.06 -9.29
CA GLY B 162 -43.43 1.94 -8.31
C GLY B 162 -44.25 3.15 -7.93
N SER B 163 -45.40 3.34 -8.59
CA SER B 163 -46.29 4.45 -8.26
C SER B 163 -46.87 4.27 -6.86
N LEU B 164 -47.16 3.04 -6.47
CA LEU B 164 -47.69 2.79 -5.13
C LEU B 164 -46.54 2.27 -4.27
N SER B 165 -45.91 3.16 -3.49
CA SER B 165 -44.78 2.78 -2.64
C SER B 165 -45.25 2.56 -1.21
N SER B 166 -46.21 3.37 -0.81
CA SER B 166 -46.74 3.30 0.54
C SER B 166 -47.69 2.16 0.77
N GLY B 167 -47.60 1.57 1.95
CA GLY B 167 -48.49 0.48 2.32
C GLY B 167 -48.08 -0.87 1.80
N VAL B 168 -46.88 -0.95 1.25
CA VAL B 168 -46.34 -2.19 0.69
C VAL B 168 -45.53 -3.02 1.67
N HIS B 169 -45.82 -4.31 1.73
CA HIS B 169 -45.07 -5.24 2.57
C HIS B 169 -44.75 -6.44 1.68
N THR B 170 -43.48 -6.60 1.34
CA THR B 170 -43.03 -7.72 0.54
C THR B 170 -42.31 -8.63 1.51
N PHE B 171 -42.77 -9.86 1.62
CA PHE B 171 -42.21 -10.79 2.57
C PHE B 171 -41.03 -11.56 2.03
N PRO B 172 -40.12 -11.92 2.91
CA PRO B 172 -38.92 -12.68 2.55
C PRO B 172 -39.33 -14.04 1.96
N ALA B 173 -38.65 -14.44 0.89
CA ALA B 173 -38.91 -15.72 0.24
C ALA B 173 -38.60 -16.84 1.21
N VAL B 174 -39.36 -17.93 1.08
CA VAL B 174 -39.16 -19.11 1.89
C VAL B 174 -38.88 -20.28 0.93
N LEU B 175 -37.82 -21.01 1.22
CA LEU B 175 -37.39 -22.14 0.43
C LEU B 175 -38.21 -23.35 0.81
N GLN B 176 -38.81 -23.97 -0.19
CA GLN B 176 -39.62 -25.15 0.02
C GLN B 176 -38.97 -26.23 -0.81
N SER B 177 -38.05 -26.93 -0.15
CA SER B 177 -37.29 -28.03 -0.73
C SER B 177 -36.25 -27.51 -1.70
N ASP B 178 -36.72 -27.04 -2.85
CA ASP B 178 -35.84 -26.55 -3.89
C ASP B 178 -36.45 -25.38 -4.64
N LEU B 179 -37.58 -24.89 -4.17
CA LEU B 179 -38.21 -23.74 -4.81
C LEU B 179 -38.56 -22.72 -3.75
N TYR B 180 -38.56 -21.46 -4.16
CA TYR B 180 -38.91 -20.36 -3.25
C TYR B 180 -40.31 -19.84 -3.53
N THR B 181 -40.90 -19.29 -2.48
CA THR B 181 -42.21 -18.67 -2.59
C THR B 181 -42.17 -17.39 -1.75
N LEU B 182 -42.79 -16.32 -2.26
CA LEU B 182 -42.81 -15.03 -1.57
C LEU B 182 -44.16 -14.38 -1.83
N SER B 183 -44.54 -13.40 -1.00
CA SER B 183 -45.79 -12.68 -1.22
C SER B 183 -45.59 -11.22 -0.92
N SER B 184 -46.48 -10.39 -1.42
CA SER B 184 -46.40 -8.96 -1.20
C SER B 184 -47.83 -8.47 -0.99
N SER B 185 -48.00 -7.48 -0.10
CA SER B 185 -49.32 -6.92 0.16
C SER B 185 -49.22 -5.41 0.00
N VAL B 186 -50.33 -4.79 -0.40
CA VAL B 186 -50.37 -3.36 -0.55
C VAL B 186 -51.70 -2.94 0.02
N THR B 187 -51.71 -1.89 0.81
CA THR B 187 -52.93 -1.39 1.41
C THR B 187 -53.19 -0.02 0.80
N VAL B 188 -54.36 0.13 0.18
CA VAL B 188 -54.73 1.37 -0.47
C VAL B 188 -56.07 1.88 0.07
N PRO B 189 -56.33 3.18 -0.10
CA PRO B 189 -57.62 3.64 0.40
C PRO B 189 -58.69 3.08 -0.54
N SER B 190 -59.85 2.74 0.01
CA SER B 190 -60.97 2.21 -0.78
C SER B 190 -61.33 3.16 -1.95
N SER B 191 -60.86 4.39 -1.85
CA SER B 191 -61.05 5.41 -2.86
C SER B 191 -60.39 4.87 -4.13
N THR B 192 -59.22 4.27 -3.97
CA THR B 192 -58.42 3.71 -5.06
C THR B 192 -58.93 2.42 -5.75
N TRP B 193 -59.18 1.38 -4.98
CA TRP B 193 -59.62 0.11 -5.56
C TRP B 193 -61.01 -0.23 -5.03
N PRO B 194 -61.87 -0.83 -5.88
CA PRO B 194 -61.70 -1.23 -7.28
C PRO B 194 -61.84 -0.21 -8.39
N SER B 195 -62.08 1.06 -8.07
CA SER B 195 -62.25 2.03 -9.14
C SER B 195 -61.07 2.01 -10.10
N GLU B 196 -59.88 2.15 -9.56
CA GLU B 196 -58.68 2.17 -10.37
C GLU B 196 -57.92 0.83 -10.42
N THR B 197 -56.98 0.74 -11.35
CA THR B 197 -56.18 -0.46 -11.54
C THR B 197 -54.98 -0.57 -10.60
N VAL B 198 -54.83 -1.75 -9.99
CA VAL B 198 -53.71 -2.01 -9.11
C VAL B 198 -53.09 -3.26 -9.68
N THR B 199 -51.86 -3.13 -10.16
CA THR B 199 -51.13 -4.23 -10.79
C THR B 199 -49.81 -4.50 -10.07
N CYS B 200 -49.50 -5.75 -9.79
CA CYS B 200 -48.22 -6.00 -9.17
C CYS B 200 -47.29 -6.46 -10.28
N ASN B 201 -46.06 -5.98 -10.24
CA ASN B 201 -45.05 -6.28 -11.23
C ASN B 201 -43.99 -7.19 -10.62
N VAL B 202 -43.78 -8.36 -11.20
CA VAL B 202 -42.80 -9.29 -10.67
C VAL B 202 -41.73 -9.56 -11.72
N ALA B 203 -40.47 -9.38 -11.33
CA ALA B 203 -39.35 -9.62 -12.22
C ALA B 203 -38.49 -10.71 -11.66
N HIS B 204 -38.12 -11.68 -12.49
CA HIS B 204 -37.23 -12.76 -12.06
C HIS B 204 -36.05 -12.77 -13.04
N PRO B 205 -34.98 -12.02 -12.70
CA PRO B 205 -33.76 -11.90 -13.51
C PRO B 205 -33.25 -13.19 -14.17
N ALA B 206 -32.92 -14.18 -13.34
CA ALA B 206 -32.41 -15.46 -13.82
C ALA B 206 -33.18 -16.16 -14.94
N SER B 207 -34.44 -15.82 -15.15
CA SER B 207 -35.19 -16.46 -16.19
C SER B 207 -35.74 -15.45 -17.18
N SER B 208 -35.32 -14.19 -17.02
CA SER B 208 -35.76 -13.10 -17.87
C SER B 208 -37.29 -12.98 -17.90
N THR B 209 -37.92 -13.24 -16.75
CA THR B 209 -39.36 -13.18 -16.60
C THR B 209 -39.81 -11.84 -16.02
N LYS B 210 -40.85 -11.27 -16.62
CA LYS B 210 -41.42 -10.03 -16.19
C LYS B 210 -42.92 -10.22 -16.35
N VAL B 211 -43.63 -10.30 -15.22
CA VAL B 211 -45.08 -10.50 -15.21
C VAL B 211 -45.79 -9.33 -14.58
N ASP B 212 -46.95 -9.00 -15.14
CA ASP B 212 -47.77 -7.94 -14.59
C ASP B 212 -49.08 -8.62 -14.25
N LYS B 213 -49.50 -8.52 -12.99
CA LYS B 213 -50.75 -9.12 -12.53
C LYS B 213 -51.66 -8.07 -11.96
N LYS B 214 -52.70 -7.75 -12.71
CA LYS B 214 -53.70 -6.77 -12.31
C LYS B 214 -54.58 -7.45 -11.27
N ILE B 215 -55.00 -6.69 -10.27
CA ILE B 215 -55.85 -7.23 -9.20
C ILE B 215 -57.29 -6.80 -9.51
N VAL B 216 -58.11 -7.78 -9.87
CA VAL B 216 -59.50 -7.54 -10.23
C VAL B 216 -60.45 -8.10 -9.19
N PRO B 217 -61.58 -7.41 -8.93
CA PRO B 217 -62.57 -7.87 -7.95
C PRO B 217 -63.02 -9.30 -8.29
N ARG B 218 -62.87 -10.23 -7.34
CA ARG B 218 -63.24 -11.60 -7.62
C ARG B 218 -64.74 -11.85 -7.73
N ASP B 219 -65.18 -11.95 -8.99
CA ASP B 219 -66.58 -12.20 -9.34
C ASP B 219 -66.84 -13.72 -9.22
N CYS B 220 -65.75 -14.46 -9.14
CA CYS B 220 -65.77 -15.91 -9.02
C CYS B 220 -64.72 -16.31 -7.98
N GLU C 1 11.90 -11.32 6.40
CA GLU C 1 12.08 -10.38 5.25
C GLU C 1 12.52 -11.24 4.08
N LEU C 2 12.32 -10.79 2.85
CA LEU C 2 12.74 -11.56 1.68
C LEU C 2 14.24 -11.32 1.59
N VAL C 3 15.01 -12.38 1.71
CA VAL C 3 16.47 -12.28 1.62
C VAL C 3 16.93 -12.41 0.16
N MET C 4 17.86 -11.55 -0.25
CA MET C 4 18.37 -11.60 -1.62
C MET C 4 19.85 -11.97 -1.65
N THR C 5 20.15 -13.08 -2.30
CA THR C 5 21.51 -13.56 -2.41
C THR C 5 22.12 -13.22 -3.77
N GLN C 6 23.18 -12.43 -3.76
CA GLN C 6 23.84 -12.05 -4.99
C GLN C 6 25.13 -12.82 -5.18
N THR C 7 25.40 -13.17 -6.44
CA THR C 7 26.62 -13.88 -6.78
C THR C 7 27.05 -13.49 -8.17
N PRO C 8 28.37 -13.42 -8.40
CA PRO C 8 29.36 -13.68 -7.35
C PRO C 8 29.60 -12.41 -6.53
N ALA C 9 30.19 -12.54 -5.35
CA ALA C 9 30.47 -11.35 -4.53
C ALA C 9 31.38 -10.34 -5.25
N THR C 10 32.35 -10.84 -6.01
CA THR C 10 33.28 -9.99 -6.75
C THR C 10 33.61 -10.66 -8.08
N LEU C 11 33.82 -9.85 -9.09
CA LEU C 11 34.12 -10.36 -10.42
C LEU C 11 35.11 -9.43 -11.11
N SER C 12 36.19 -9.98 -11.63
CA SER C 12 37.17 -9.18 -12.34
C SER C 12 37.02 -9.61 -13.79
N VAL C 13 36.84 -8.64 -14.68
CA VAL C 13 36.61 -8.97 -16.08
C VAL C 13 37.36 -8.05 -17.00
N THR C 14 37.62 -8.54 -18.21
CA THR C 14 38.32 -7.78 -19.21
C THR C 14 37.29 -7.05 -20.08
N PRO C 15 37.56 -5.78 -20.41
CA PRO C 15 36.64 -4.99 -21.25
C PRO C 15 36.36 -5.72 -22.56
N GLY C 16 35.10 -5.69 -22.99
CA GLY C 16 34.69 -6.37 -24.20
C GLY C 16 33.99 -7.67 -23.88
N ASP C 17 34.26 -8.23 -22.71
CA ASP C 17 33.60 -9.47 -22.31
C ASP C 17 32.15 -9.22 -21.98
N SER C 18 31.46 -10.30 -21.65
CA SER C 18 30.07 -10.21 -21.30
C SER C 18 29.97 -10.95 -19.99
N VAL C 19 29.07 -10.48 -19.12
CA VAL C 19 28.90 -11.14 -17.85
C VAL C 19 27.45 -11.10 -17.36
N SER C 20 27.12 -12.01 -16.46
CA SER C 20 25.78 -12.11 -15.93
C SER C 20 25.90 -12.22 -14.41
N LEU C 21 25.15 -11.38 -13.71
CA LEU C 21 25.17 -11.38 -12.25
C LEU C 21 23.89 -12.03 -11.80
N SER C 22 23.97 -12.81 -10.74
CA SER C 22 22.81 -13.52 -10.24
C SER C 22 22.22 -12.90 -8.95
N CYS C 23 20.90 -12.88 -8.87
CA CYS C 23 20.17 -12.39 -7.70
C CYS C 23 19.09 -13.41 -7.43
N ARG C 24 19.11 -14.02 -6.26
CA ARG C 24 18.15 -15.05 -5.91
C ARG C 24 17.38 -14.70 -4.62
N ALA C 25 16.05 -14.73 -4.71
CA ALA C 25 15.17 -14.40 -3.60
C ALA C 25 14.80 -15.59 -2.72
N SER C 26 14.78 -15.42 -1.41
CA SER C 26 14.42 -16.51 -0.50
C SER C 26 13.01 -17.01 -0.80
N GLN C 27 12.24 -16.18 -1.50
CA GLN C 27 10.89 -16.53 -1.89
C GLN C 27 10.53 -15.60 -3.05
N SER C 28 9.45 -15.93 -3.75
CA SER C 28 9.03 -15.15 -4.89
C SER C 28 8.76 -13.67 -4.69
N VAL C 29 9.21 -12.89 -5.65
CA VAL C 29 9.01 -11.46 -5.64
C VAL C 29 8.33 -11.07 -6.92
N SER C 30 7.78 -12.07 -7.60
CA SER C 30 7.07 -11.84 -8.84
C SER C 30 8.06 -11.17 -9.83
N ASN C 31 7.70 -10.02 -10.38
CA ASN C 31 8.57 -9.28 -11.31
C ASN C 31 9.09 -8.00 -10.65
N LYS C 32 8.93 -7.90 -9.33
CA LYS C 32 9.32 -6.72 -8.56
C LYS C 32 10.76 -6.74 -8.09
N LEU C 33 11.67 -6.86 -9.05
CA LEU C 33 13.08 -6.90 -8.78
C LEU C 33 13.71 -5.84 -9.66
N HIS C 34 14.62 -5.07 -9.07
CA HIS C 34 15.26 -3.97 -9.79
C HIS C 34 16.78 -4.07 -9.61
N TRP C 35 17.51 -3.47 -10.54
CA TRP C 35 18.97 -3.50 -10.50
C TRP C 35 19.52 -2.09 -10.51
N TYR C 36 20.53 -1.87 -9.66
CA TYR C 36 21.19 -0.55 -9.54
C TYR C 36 22.70 -0.70 -9.65
N GLN C 37 23.32 0.34 -10.18
CA GLN C 37 24.79 0.40 -10.27
C GLN C 37 25.22 1.50 -9.28
N GLN C 38 26.16 1.23 -8.38
CA GLN C 38 26.61 2.31 -7.50
C GLN C 38 28.11 2.51 -7.57
N LYS C 39 28.51 3.72 -7.98
CA LYS C 39 29.90 4.11 -8.07
C LYS C 39 30.21 4.70 -6.72
N SER C 40 31.47 4.68 -6.31
CA SER C 40 31.85 5.25 -5.01
C SER C 40 31.72 6.76 -5.06
N HIS C 41 31.20 7.31 -3.96
CA HIS C 41 30.99 8.74 -3.81
C HIS C 41 29.79 9.13 -4.67
N GLU C 42 28.88 8.18 -4.92
CA GLU C 42 27.71 8.45 -5.74
C GLU C 42 26.48 7.67 -5.28
N SER C 43 25.31 8.22 -5.58
CA SER C 43 24.05 7.57 -5.22
C SER C 43 23.72 6.48 -6.26
N PRO C 44 22.92 5.47 -5.86
CA PRO C 44 22.55 4.39 -6.79
C PRO C 44 21.91 4.86 -8.09
N ARG C 45 22.20 4.18 -9.18
CA ARG C 45 21.62 4.52 -10.46
C ARG C 45 20.79 3.31 -10.87
N LEU C 46 19.52 3.54 -11.22
CA LEU C 46 18.60 2.48 -11.62
C LEU C 46 18.99 2.00 -13.01
N LEU C 47 19.27 0.71 -13.12
CA LEU C 47 19.65 0.14 -14.40
C LEU C 47 18.48 -0.57 -15.08
N ILE C 48 17.84 -1.47 -14.33
CA ILE C 48 16.73 -2.28 -14.80
C ILE C 48 15.57 -2.22 -13.80
N LYS C 49 14.35 -2.00 -14.29
CA LYS C 49 13.18 -1.96 -13.43
C LYS C 49 12.23 -3.11 -13.74
N PHE C 50 11.60 -3.64 -12.69
CA PHE C 50 10.64 -4.73 -12.79
C PHE C 50 11.15 -5.92 -13.58
N ALA C 51 12.30 -6.42 -13.13
CA ALA C 51 13.01 -7.60 -13.66
C ALA C 51 13.67 -7.54 -15.03
N SER C 52 13.05 -6.84 -15.99
CA SER C 52 13.60 -6.83 -17.33
C SER C 52 13.29 -5.57 -18.10
N GLN C 53 12.61 -4.64 -17.48
CA GLN C 53 12.29 -3.44 -18.19
C GLN C 53 13.47 -2.49 -18.20
N SER C 54 13.74 -1.92 -19.36
CA SER C 54 14.85 -1.02 -19.51
C SER C 54 14.48 0.42 -19.19
N ILE C 55 15.45 1.14 -18.65
CA ILE C 55 15.28 2.53 -18.28
C ILE C 55 15.88 3.35 -19.41
N PRO C 56 15.18 4.39 -19.88
CA PRO C 56 15.72 5.21 -20.95
C PRO C 56 16.92 6.03 -20.44
N GLY C 57 18.00 6.02 -21.20
CA GLY C 57 19.21 6.74 -20.83
C GLY C 57 20.31 5.75 -20.50
N ILE C 58 19.92 4.54 -20.12
CA ILE C 58 20.87 3.50 -19.77
C ILE C 58 21.35 2.76 -21.00
N PRO C 59 22.67 2.51 -21.08
CA PRO C 59 23.31 1.79 -22.20
C PRO C 59 22.66 0.45 -22.45
N SER C 60 22.39 0.16 -23.72
CA SER C 60 21.76 -1.09 -24.13
C SER C 60 22.51 -2.34 -23.76
N ARG C 61 23.79 -2.21 -23.38
CA ARG C 61 24.57 -3.38 -23.01
C ARG C 61 24.02 -4.04 -21.76
N PHE C 62 23.19 -3.30 -21.03
CA PHE C 62 22.56 -3.80 -19.80
C PHE C 62 21.18 -4.40 -20.09
N SER C 63 20.90 -5.57 -19.55
CA SER C 63 19.59 -6.18 -19.72
C SER C 63 19.39 -7.14 -18.58
N GLY C 64 18.16 -7.29 -18.11
CA GLY C 64 17.92 -8.21 -17.02
C GLY C 64 16.84 -9.22 -17.38
N SER C 65 16.74 -10.28 -16.62
CA SER C 65 15.75 -11.27 -16.90
C SER C 65 15.46 -12.03 -15.63
N GLY C 66 14.35 -12.76 -15.62
CA GLY C 66 13.97 -13.55 -14.48
C GLY C 66 12.56 -13.27 -14.02
N SER C 67 12.13 -14.05 -13.03
CA SER C 67 10.81 -13.96 -12.44
C SER C 67 10.85 -14.86 -11.26
N GLY C 68 9.94 -14.59 -10.35
CA GLY C 68 9.86 -15.41 -9.16
C GLY C 68 11.04 -15.26 -8.24
N SER C 69 11.89 -16.27 -8.24
CA SER C 69 13.04 -16.28 -7.35
C SER C 69 14.39 -16.23 -8.01
N ASP C 70 14.44 -16.29 -9.34
CA ASP C 70 15.73 -16.27 -10.01
C ASP C 70 15.84 -15.14 -11.01
N PHE C 71 16.82 -14.28 -10.83
CA PHE C 71 17.01 -13.12 -11.70
C PHE C 71 18.45 -12.99 -12.11
N THR C 72 18.67 -12.34 -13.25
CA THR C 72 20.02 -12.18 -13.78
C THR C 72 20.18 -10.84 -14.48
N LEU C 73 21.30 -10.18 -14.25
CA LEU C 73 21.64 -8.92 -14.92
C LEU C 73 22.80 -9.29 -15.86
N SER C 74 22.66 -8.92 -17.12
CA SER C 74 23.67 -9.24 -18.09
C SER C 74 24.20 -7.99 -18.77
N ILE C 75 25.53 -7.93 -18.85
CA ILE C 75 26.22 -6.83 -19.51
C ILE C 75 27.03 -7.48 -20.62
N ASN C 76 26.68 -7.18 -21.86
CA ASN C 76 27.44 -7.74 -22.97
C ASN C 76 28.38 -6.63 -23.37
N SER C 77 29.66 -6.97 -23.56
CA SER C 77 30.68 -5.99 -23.92
C SER C 77 30.94 -4.99 -22.77
N VAL C 78 31.46 -5.50 -21.66
CA VAL C 78 31.79 -4.71 -20.49
C VAL C 78 32.77 -3.59 -20.85
N GLU C 79 32.47 -2.37 -20.41
CA GLU C 79 33.33 -1.23 -20.68
C GLU C 79 34.09 -0.85 -19.40
N THR C 80 35.01 0.10 -19.51
CA THR C 80 35.80 0.55 -18.36
C THR C 80 34.99 1.30 -17.31
N GLU C 81 34.04 2.11 -17.76
CA GLU C 81 33.20 2.87 -16.84
C GLU C 81 32.12 2.05 -16.12
N ASP C 82 32.11 0.73 -16.32
CA ASP C 82 31.12 -0.15 -15.69
C ASP C 82 31.58 -0.68 -14.34
N PHE C 83 32.71 -0.21 -13.81
CA PHE C 83 33.13 -0.72 -12.48
C PHE C 83 32.15 -0.18 -11.46
N GLY C 84 31.96 -0.94 -10.39
CA GLY C 84 31.05 -0.50 -9.36
C GLY C 84 30.41 -1.67 -8.65
N ILE C 85 29.46 -1.36 -7.78
CA ILE C 85 28.73 -2.38 -7.03
C ILE C 85 27.37 -2.47 -7.72
N TYR C 86 26.85 -3.68 -7.84
CA TYR C 86 25.56 -3.91 -8.49
C TYR C 86 24.65 -4.54 -7.46
N PHE C 87 23.53 -3.87 -7.17
CA PHE C 87 22.58 -4.35 -6.17
C PHE C 87 21.24 -4.67 -6.82
N CYS C 88 20.59 -5.71 -6.33
CA CYS C 88 19.24 -6.05 -6.78
C CYS C 88 18.33 -5.66 -5.58
N HIS C 89 17.11 -5.28 -5.90
CA HIS C 89 16.19 -4.79 -4.88
C HIS C 89 14.78 -5.33 -5.13
N GLN C 90 14.11 -5.81 -4.09
CA GLN C 90 12.75 -6.30 -4.27
C GLN C 90 11.71 -5.36 -3.65
N THR C 91 10.69 -5.01 -4.43
CA THR C 91 9.62 -4.16 -3.95
C THR C 91 8.29 -4.91 -3.98
N HIS C 92 8.32 -6.17 -3.55
CA HIS C 92 7.14 -7.00 -3.56
C HIS C 92 6.57 -7.25 -2.18
N GLY C 93 7.45 -7.41 -1.21
CA GLY C 93 7.03 -7.64 0.16
C GLY C 93 7.64 -6.61 1.10
N ARG C 94 6.99 -6.31 2.22
CA ARG C 94 7.50 -5.34 3.16
C ARG C 94 8.17 -6.12 4.27
N PRO C 95 9.35 -5.68 4.73
CA PRO C 95 10.05 -4.48 4.24
C PRO C 95 10.81 -4.72 2.95
N LEU C 96 10.98 -3.66 2.17
CA LEU C 96 11.72 -3.72 0.92
C LEU C 96 13.14 -4.10 1.32
N THR C 97 13.78 -4.98 0.54
CA THR C 97 15.14 -5.42 0.83
C THR C 97 16.03 -5.33 -0.38
N PHE C 98 17.34 -5.35 -0.12
CA PHE C 98 18.39 -5.25 -1.13
C PHE C 98 19.32 -6.43 -0.96
N GLY C 99 20.06 -6.76 -2.01
CA GLY C 99 21.04 -7.82 -1.91
C GLY C 99 22.36 -7.18 -1.44
N ALA C 100 23.32 -7.98 -1.01
CA ALA C 100 24.62 -7.49 -0.54
C ALA C 100 25.47 -6.82 -1.62
N GLY C 101 25.13 -7.06 -2.89
CA GLY C 101 25.88 -6.47 -3.99
C GLY C 101 26.98 -7.33 -4.60
N THR C 102 27.34 -6.98 -5.82
CA THR C 102 28.40 -7.66 -6.56
C THR C 102 29.33 -6.57 -7.04
N LYS C 103 30.60 -6.68 -6.63
CA LYS C 103 31.65 -5.73 -6.98
C LYS C 103 32.28 -6.09 -8.33
N LEU C 104 32.05 -5.27 -9.33
CA LEU C 104 32.62 -5.54 -10.64
C LEU C 104 33.92 -4.76 -10.83
N GLU C 105 35.02 -5.49 -11.00
CA GLU C 105 36.33 -4.88 -11.21
C GLU C 105 36.82 -5.22 -12.62
N LEU C 106 37.56 -4.30 -13.22
CA LEU C 106 38.11 -4.51 -14.55
C LEU C 106 39.59 -4.86 -14.55
N LYS C 107 39.93 -5.88 -15.34
CA LYS C 107 41.29 -6.33 -15.46
C LYS C 107 41.90 -5.40 -16.46
N ARG C 108 43.23 -5.28 -16.38
CA ARG C 108 43.96 -4.34 -17.22
C ARG C 108 45.38 -4.85 -17.31
N ALA C 109 46.15 -4.24 -18.21
CA ALA C 109 47.56 -4.62 -18.36
C ALA C 109 48.32 -3.88 -17.25
N ASP C 110 49.21 -4.59 -16.58
CA ASP C 110 50.03 -4.03 -15.54
C ASP C 110 50.63 -2.70 -15.93
N ALA C 111 50.64 -1.77 -14.97
CA ALA C 111 51.19 -0.44 -15.17
C ALA C 111 52.03 -0.06 -13.95
N ALA C 112 53.20 0.50 -14.20
CA ALA C 112 54.09 0.90 -13.12
C ALA C 112 53.63 2.28 -12.64
N PRO C 113 53.71 2.52 -11.32
CA PRO C 113 53.30 3.82 -10.78
C PRO C 113 54.30 4.92 -11.03
N THR C 114 53.77 6.13 -11.20
CA THR C 114 54.56 7.34 -11.35
C THR C 114 54.66 7.75 -9.88
N VAL C 115 55.85 7.66 -9.31
CA VAL C 115 56.11 7.98 -7.92
C VAL C 115 56.62 9.40 -7.68
N SER C 116 56.17 10.01 -6.58
CA SER C 116 56.56 11.37 -6.16
C SER C 116 56.70 11.38 -4.64
N ILE C 117 57.82 11.90 -4.15
CA ILE C 117 58.07 11.99 -2.70
C ILE C 117 58.13 13.48 -2.35
N PHE C 118 57.53 13.84 -1.22
CA PHE C 118 57.53 15.24 -0.80
C PHE C 118 57.98 15.32 0.63
N PRO C 119 59.00 16.14 0.89
CA PRO C 119 59.47 16.29 2.27
C PRO C 119 58.46 17.19 3.01
N PRO C 120 58.53 17.20 4.33
CA PRO C 120 57.62 18.02 5.16
C PRO C 120 57.63 19.49 4.77
N SER C 121 56.47 20.09 4.84
CA SER C 121 56.30 21.51 4.59
C SER C 121 57.08 22.22 5.74
N SER C 122 57.59 23.42 5.49
CA SER C 122 58.31 24.12 6.56
C SER C 122 57.34 24.58 7.65
N GLU C 123 56.10 24.89 7.23
CA GLU C 123 55.05 25.33 8.16
C GLU C 123 54.74 24.27 9.18
N GLN C 124 54.76 23.01 8.73
CA GLN C 124 54.49 21.90 9.62
C GLN C 124 55.60 21.65 10.61
N LEU C 125 56.85 21.80 10.14
CA LEU C 125 58.00 21.59 11.02
C LEU C 125 57.90 22.58 12.19
N THR C 126 57.51 23.81 11.87
CA THR C 126 57.37 24.86 12.86
C THR C 126 56.45 24.43 14.00
N SER C 127 55.42 23.64 13.65
CA SER C 127 54.44 23.17 14.62
C SER C 127 54.84 21.91 15.37
N GLY C 128 56.00 21.36 15.04
CA GLY C 128 56.45 20.18 15.75
C GLY C 128 56.20 18.87 15.04
N GLY C 129 55.64 18.93 13.84
CA GLY C 129 55.36 17.69 13.15
C GLY C 129 56.05 17.62 11.81
N ALA C 130 56.18 16.41 11.27
CA ALA C 130 56.82 16.22 9.97
C ALA C 130 56.19 15.03 9.24
N SER C 131 55.41 15.32 8.21
CA SER C 131 54.77 14.27 7.44
C SER C 131 55.45 14.15 6.08
N VAL C 132 56.00 12.98 5.78
CA VAL C 132 56.62 12.77 4.48
C VAL C 132 55.55 12.08 3.62
N VAL C 133 55.22 12.68 2.49
CA VAL C 133 54.18 12.17 1.60
C VAL C 133 54.73 11.60 0.28
N CYS C 134 54.14 10.50 -0.16
CA CYS C 134 54.52 9.83 -1.39
C CYS C 134 53.27 9.42 -2.20
N PHE C 135 53.14 9.96 -3.41
CA PHE C 135 52.05 9.65 -4.31
C PHE C 135 52.46 8.62 -5.37
N LEU C 136 51.77 7.49 -5.42
CA LEU C 136 52.05 6.49 -6.45
C LEU C 136 50.84 6.58 -7.36
N ASN C 137 50.97 7.32 -8.45
CA ASN C 137 49.87 7.55 -9.37
C ASN C 137 49.72 6.67 -10.62
N ASN C 138 48.46 6.45 -11.01
CA ASN C 138 48.05 5.70 -12.20
C ASN C 138 48.77 4.37 -12.47
N PHE C 139 48.60 3.40 -11.60
CA PHE C 139 49.25 2.12 -11.76
C PHE C 139 48.21 1.02 -11.82
N TYR C 140 48.69 -0.22 -11.90
CA TYR C 140 47.82 -1.38 -11.95
C TYR C 140 48.66 -2.64 -11.79
N PRO C 141 48.17 -3.61 -11.01
CA PRO C 141 46.93 -3.66 -10.23
C PRO C 141 46.97 -2.88 -8.92
N LYS C 142 45.88 -2.95 -8.16
CA LYS C 142 45.78 -2.27 -6.87
C LYS C 142 46.72 -2.83 -5.80
N ASP C 143 47.23 -4.03 -6.05
CA ASP C 143 48.15 -4.68 -5.10
C ASP C 143 49.60 -4.14 -5.23
N ILE C 144 49.79 -2.87 -4.92
CA ILE C 144 51.09 -2.25 -4.99
C ILE C 144 51.48 -2.00 -3.56
N ASN C 145 52.64 -2.48 -3.16
CA ASN C 145 53.08 -2.29 -1.81
C ASN C 145 54.05 -1.10 -1.73
N VAL C 146 53.94 -0.30 -0.66
CA VAL C 146 54.83 0.85 -0.46
C VAL C 146 55.63 0.60 0.80
N LYS C 147 56.91 0.89 0.73
CA LYS C 147 57.79 0.70 1.87
C LYS C 147 58.60 1.97 2.06
N TRP C 148 58.81 2.31 3.32
CA TRP C 148 59.52 3.51 3.69
C TRP C 148 60.80 3.10 4.34
N LYS C 149 61.85 3.85 4.02
CA LYS C 149 63.18 3.64 4.55
C LYS C 149 63.74 5.00 4.97
N ILE C 150 64.22 5.05 6.20
CA ILE C 150 64.81 6.24 6.79
C ILE C 150 66.28 5.91 7.00
N ASP C 151 67.15 6.62 6.29
CA ASP C 151 68.57 6.38 6.40
C ASP C 151 68.86 4.90 6.12
N GLY C 152 68.11 4.30 5.20
CA GLY C 152 68.34 2.91 4.88
C GLY C 152 67.61 1.83 5.66
N SER C 153 66.95 2.16 6.75
CA SER C 153 66.20 1.16 7.50
C SER C 153 64.72 1.34 7.25
N GLU C 154 64.00 0.24 7.11
CA GLU C 154 62.56 0.29 6.85
C GLU C 154 61.74 0.61 8.10
N ARG C 155 60.81 1.55 7.99
CA ARG C 155 59.95 1.91 9.12
C ARG C 155 58.51 1.63 8.75
N GLN C 156 57.83 0.82 9.55
CA GLN C 156 56.41 0.49 9.29
C GLN C 156 55.52 1.41 10.10
N ASN C 157 56.01 1.77 11.28
CA ASN C 157 55.31 2.63 12.21
C ASN C 157 55.08 4.04 11.66
N GLY C 158 53.84 4.51 11.76
CA GLY C 158 53.50 5.86 11.30
C GLY C 158 53.05 6.04 9.85
N VAL C 159 52.74 4.96 9.16
CA VAL C 159 52.32 5.04 7.75
C VAL C 159 50.79 5.01 7.53
N LEU C 160 50.27 5.96 6.75
CA LEU C 160 48.86 6.06 6.42
C LEU C 160 48.71 5.95 4.89
N ASN C 161 48.05 4.90 4.43
CA ASN C 161 47.87 4.68 3.00
C ASN C 161 46.43 4.91 2.58
N SER C 162 46.25 5.45 1.38
CA SER C 162 44.90 5.69 0.90
C SER C 162 44.89 5.49 -0.61
N TRP C 163 43.89 4.76 -1.12
CA TRP C 163 43.76 4.47 -2.55
C TRP C 163 42.53 5.14 -3.10
N THR C 164 42.59 5.57 -4.36
CA THR C 164 41.43 6.16 -4.98
C THR C 164 40.68 5.02 -5.65
N ASP C 165 39.60 5.39 -6.31
CA ASP C 165 38.76 4.48 -7.06
C ASP C 165 39.49 4.14 -8.37
N GLN C 166 39.06 3.07 -9.01
CA GLN C 166 39.66 2.69 -10.28
C GLN C 166 39.31 3.79 -11.26
N ASP C 167 40.22 4.11 -12.16
CA ASP C 167 39.98 5.15 -13.14
C ASP C 167 38.95 4.63 -14.10
N SER C 168 38.04 5.50 -14.51
CA SER C 168 36.98 5.16 -15.43
C SER C 168 37.52 5.05 -16.87
N LYS C 169 38.47 5.90 -17.24
CA LYS C 169 39.02 5.85 -18.59
C LYS C 169 40.03 4.74 -18.79
N ASP C 170 40.86 4.49 -17.80
CA ASP C 170 41.88 3.48 -17.99
C ASP C 170 42.07 2.43 -16.91
N SER C 171 41.11 2.32 -16.01
CA SER C 171 41.17 1.30 -14.97
C SER C 171 42.40 1.29 -14.09
N THR C 172 43.19 2.37 -14.12
CA THR C 172 44.36 2.44 -13.26
C THR C 172 43.96 3.04 -11.92
N TYR C 173 44.78 2.81 -10.92
CA TYR C 173 44.55 3.32 -9.58
C TYR C 173 45.65 4.32 -9.20
N SER C 174 45.48 4.97 -8.05
CA SER C 174 46.47 5.89 -7.52
C SER C 174 46.36 5.70 -6.02
N MET C 175 47.42 6.00 -5.30
CA MET C 175 47.38 5.88 -3.86
C MET C 175 48.37 6.89 -3.29
N SER C 176 48.24 7.16 -2.00
CA SER C 176 49.13 8.11 -1.32
C SER C 176 49.52 7.47 -0.02
N SER C 177 50.80 7.60 0.31
CA SER C 177 51.33 7.05 1.55
C SER C 177 51.94 8.23 2.28
N THR C 178 51.61 8.35 3.56
CA THR C 178 52.09 9.42 4.40
C THR C 178 52.76 8.85 5.64
N LEU C 179 54.02 9.20 5.82
CA LEU C 179 54.74 8.77 7.01
C LEU C 179 54.73 10.01 7.92
N THR C 180 54.23 9.84 9.13
CA THR C 180 54.20 10.97 10.03
C THR C 180 55.17 10.75 11.17
N LEU C 181 56.10 11.69 11.29
CA LEU C 181 57.13 11.68 12.32
C LEU C 181 57.01 12.96 13.14
N THR C 182 57.71 12.96 14.27
CA THR C 182 57.78 14.15 15.09
C THR C 182 58.93 14.91 14.45
N LYS C 183 58.93 16.22 14.61
CA LYS C 183 59.97 17.08 14.08
C LYS C 183 61.35 16.58 14.54
N ASP C 184 61.41 16.07 15.75
CA ASP C 184 62.65 15.55 16.33
C ASP C 184 63.24 14.32 15.64
N GLU C 185 62.40 13.33 15.37
CA GLU C 185 62.85 12.10 14.69
C GLU C 185 63.30 12.46 13.28
N TYR C 186 62.58 13.40 12.65
CA TYR C 186 62.90 13.83 11.28
C TYR C 186 64.25 14.52 11.19
N GLU C 187 64.54 15.41 12.15
CA GLU C 187 65.78 16.18 12.17
C GLU C 187 66.96 15.32 12.60
N ARG C 188 66.65 14.10 12.98
CA ARG C 188 67.61 13.13 13.46
C ARG C 188 68.07 12.18 12.35
N HIS C 189 67.54 12.35 11.15
CA HIS C 189 67.89 11.48 10.03
C HIS C 189 68.10 12.27 8.77
N ASN C 190 68.71 11.66 7.76
CA ASN C 190 68.91 12.40 6.54
C ASN C 190 68.19 11.90 5.29
N SER C 191 68.35 10.63 4.93
CA SER C 191 67.70 10.13 3.72
C SER C 191 66.30 9.53 3.94
N TYR C 192 65.36 9.95 3.10
CA TYR C 192 63.98 9.47 3.15
C TYR C 192 63.61 8.85 1.81
N THR C 193 63.22 7.57 1.88
CA THR C 193 62.91 6.78 0.71
C THR C 193 61.57 6.08 0.71
N CYS C 194 60.89 6.17 -0.43
CA CYS C 194 59.60 5.55 -0.67
C CYS C 194 59.76 4.60 -1.86
N GLU C 195 59.46 3.31 -1.70
CA GLU C 195 59.54 2.43 -2.84
C GLU C 195 58.29 1.60 -3.10
N ALA C 196 57.89 1.58 -4.36
CA ALA C 196 56.71 0.84 -4.84
C ALA C 196 57.15 -0.54 -5.27
N THR C 197 56.40 -1.54 -4.83
CA THR C 197 56.70 -2.93 -5.15
C THR C 197 55.49 -3.66 -5.77
N HIS C 198 55.71 -4.28 -6.94
CA HIS C 198 54.68 -5.06 -7.65
C HIS C 198 55.21 -5.71 -8.92
N LYS C 199 54.88 -7.00 -9.10
CA LYS C 199 55.31 -7.74 -10.28
C LYS C 199 54.71 -7.12 -11.53
N THR C 200 55.52 -6.28 -12.17
CA THR C 200 55.18 -5.56 -13.38
C THR C 200 56.57 -5.12 -13.80
N SER C 201 57.09 -4.19 -13.01
CA SER C 201 58.41 -3.63 -13.24
C SER C 201 59.35 -4.74 -12.85
N THR C 202 60.50 -4.77 -13.51
CA THR C 202 61.50 -5.79 -13.25
C THR C 202 61.88 -5.83 -11.77
N SER C 203 61.46 -4.81 -11.01
CA SER C 203 61.77 -4.73 -9.59
C SER C 203 61.10 -3.47 -8.98
N PRO C 204 61.58 -2.94 -7.81
CA PRO C 204 60.96 -1.76 -7.21
C PRO C 204 61.24 -0.42 -7.88
N ILE C 205 60.32 0.52 -7.65
CA ILE C 205 60.45 1.88 -8.15
C ILE C 205 60.76 2.65 -6.87
N VAL C 206 61.77 3.50 -6.94
CA VAL C 206 62.24 4.23 -5.77
C VAL C 206 62.27 5.75 -5.95
N LYS C 207 61.99 6.46 -4.86
CA LYS C 207 62.02 7.90 -4.86
C LYS C 207 62.58 8.27 -3.49
N SER C 208 63.55 9.17 -3.47
CA SER C 208 64.19 9.58 -2.21
C SER C 208 64.52 11.03 -2.16
N PHE C 209 64.86 11.49 -0.95
CA PHE C 209 65.29 12.87 -0.78
C PHE C 209 66.20 12.87 0.44
N ASN C 210 67.07 13.86 0.50
CA ASN C 210 68.03 14.02 1.60
C ASN C 210 67.66 15.30 2.30
N ARG C 211 67.35 15.20 3.59
CA ARG C 211 66.97 16.36 4.39
C ARG C 211 67.96 17.55 4.27
N ASN C 212 69.26 17.25 4.30
CA ASN C 212 70.31 18.27 4.23
C ASN C 212 70.25 19.17 3.01
N GLU C 213 69.94 18.60 1.86
CA GLU C 213 69.85 19.39 0.64
C GLU C 213 68.51 20.10 0.73
N CYS C 214 68.42 21.33 0.22
CA CYS C 214 67.17 22.09 0.30
C CYS C 214 66.70 22.66 -1.05
N GLN D 1 15.72 19.46 -15.91
CA GLN D 1 16.12 18.19 -15.24
C GLN D 1 15.26 17.95 -14.00
N VAL D 2 15.12 16.66 -13.67
CA VAL D 2 14.34 16.19 -12.53
C VAL D 2 15.32 15.91 -11.39
N LYS D 3 15.12 16.55 -10.24
CA LYS D 3 16.09 16.46 -9.15
C LYS D 3 15.61 16.37 -7.70
N LEU D 4 16.40 15.65 -6.89
CA LEU D 4 16.15 15.46 -5.46
C LEU D 4 17.35 16.06 -4.71
N LEU D 5 17.17 17.20 -4.06
CA LEU D 5 18.27 17.87 -3.35
C LEU D 5 18.24 17.74 -1.81
N GLU D 6 19.22 17.02 -1.27
CA GLU D 6 19.28 16.79 0.16
C GLU D 6 20.02 17.83 0.99
N SER D 7 19.76 17.81 2.30
CA SER D 7 20.42 18.72 3.22
C SER D 7 21.90 18.35 3.42
N GLY D 8 22.69 19.30 3.94
CA GLY D 8 24.10 19.06 4.14
C GLY D 8 24.45 18.06 5.23
N ALA D 9 25.71 17.60 5.22
CA ALA D 9 26.22 16.67 6.20
C ALA D 9 26.08 17.28 7.59
N VAL D 10 25.78 16.47 8.60
CA VAL D 10 25.61 17.00 9.96
C VAL D 10 26.29 16.15 10.99
N LEU D 11 26.77 16.83 12.04
CA LEU D 11 27.40 16.16 13.16
C LEU D 11 26.38 16.39 14.27
N VAL D 12 26.04 15.34 14.98
CA VAL D 12 25.07 15.46 16.06
C VAL D 12 25.54 14.58 17.20
N LYS D 13 25.18 14.97 18.42
CA LYS D 13 25.56 14.22 19.59
C LYS D 13 24.62 13.06 19.80
N PRO D 14 25.09 12.05 20.54
CA PRO D 14 24.33 10.84 20.88
C PRO D 14 23.10 11.22 21.72
N GLY D 15 21.97 10.60 21.44
CA GLY D 15 20.75 10.91 22.17
C GLY D 15 20.02 12.09 21.55
N ALA D 16 20.63 12.72 20.56
CA ALA D 16 20.00 13.86 19.91
C ALA D 16 19.22 13.35 18.73
N SER D 17 18.72 14.27 17.92
CA SER D 17 17.91 13.90 16.77
C SER D 17 18.13 14.92 15.66
N VAL D 18 17.90 14.53 14.43
CA VAL D 18 18.06 15.43 13.30
C VAL D 18 16.80 15.40 12.49
N LYS D 19 16.68 16.37 11.59
CA LYS D 19 15.55 16.46 10.67
C LYS D 19 16.25 16.67 9.33
N LEU D 20 16.13 15.67 8.46
CA LEU D 20 16.77 15.71 7.15
C LEU D 20 15.78 16.21 6.09
N SER D 21 16.27 16.96 5.12
CA SER D 21 15.38 17.48 4.11
C SER D 21 15.75 16.95 2.71
N CYS D 22 14.75 16.90 1.84
CA CYS D 22 14.90 16.39 0.50
C CYS D 22 14.00 17.23 -0.38
N LYS D 23 14.55 18.28 -0.96
CA LYS D 23 13.81 19.17 -1.86
C LYS D 23 13.68 18.49 -3.23
N THR D 24 12.48 18.46 -3.81
CA THR D 24 12.33 17.80 -5.11
C THR D 24 11.88 18.76 -6.19
N SER D 25 12.19 18.42 -7.45
CA SER D 25 11.77 19.23 -8.58
C SER D 25 11.84 18.42 -9.85
N GLY D 26 11.19 18.90 -10.90
CA GLY D 26 11.25 18.21 -12.16
C GLY D 26 10.31 17.05 -12.32
N PHE D 27 9.50 16.78 -11.31
CA PHE D 27 8.52 15.71 -11.38
C PHE D 27 7.31 16.02 -10.51
N THR D 28 6.20 15.34 -10.77
CA THR D 28 4.97 15.57 -10.01
C THR D 28 5.19 15.06 -8.62
N PHE D 29 5.16 15.99 -7.68
CA PHE D 29 5.37 15.65 -6.28
C PHE D 29 4.21 14.84 -5.67
N SER D 30 3.00 15.27 -5.96
CA SER D 30 1.79 14.64 -5.42
C SER D 30 1.64 13.13 -5.58
N SER D 31 2.13 12.60 -6.70
CA SER D 31 2.02 11.19 -6.99
C SER D 31 3.24 10.43 -6.60
N SER D 32 4.10 11.08 -5.85
CA SER D 32 5.36 10.49 -5.43
C SER D 32 5.37 9.74 -4.11
N TYR D 33 6.08 8.61 -4.09
CA TYR D 33 6.31 7.86 -2.88
C TYR D 33 7.76 8.26 -2.61
N ILE D 34 8.00 9.02 -1.54
CA ILE D 34 9.36 9.43 -1.22
C ILE D 34 9.84 8.41 -0.21
N ASN D 35 10.91 7.72 -0.56
CA ASN D 35 11.50 6.70 0.31
C ASN D 35 12.78 7.26 0.91
N TRP D 36 13.15 6.76 2.09
CA TRP D 36 14.38 7.19 2.77
C TRP D 36 15.14 5.91 3.03
N LEU D 37 16.42 5.91 2.74
CA LEU D 37 17.27 4.72 2.94
C LEU D 37 18.59 5.05 3.64
N LYS D 38 19.09 4.07 4.40
CA LYS D 38 20.31 4.19 5.16
C LYS D 38 21.40 3.32 4.51
N GLN D 39 22.62 3.86 4.41
CA GLN D 39 23.74 3.09 3.86
C GLN D 39 25.04 3.35 4.60
N LYS D 40 25.51 2.36 5.34
CA LYS D 40 26.79 2.50 6.03
C LYS D 40 27.89 2.28 5.00
N PRO D 41 28.92 3.12 5.03
CA PRO D 41 30.05 3.04 4.08
C PRO D 41 30.54 1.62 3.83
N GLY D 42 30.45 1.22 2.56
CA GLY D 42 30.88 -0.10 2.15
C GLY D 42 29.94 -1.21 2.56
N GLN D 43 28.64 -0.92 2.48
CA GLN D 43 27.64 -1.90 2.83
C GLN D 43 26.45 -1.68 1.92
N SER D 44 25.41 -2.49 2.09
CA SER D 44 24.21 -2.38 1.26
C SER D 44 23.23 -1.34 1.80
N LEU D 45 22.23 -1.02 1.01
CA LEU D 45 21.22 -0.04 1.40
C LEU D 45 20.21 -0.67 2.34
N GLU D 46 19.67 0.16 3.22
CA GLU D 46 18.67 -0.26 4.19
C GLU D 46 17.48 0.64 4.01
N TRP D 47 16.32 0.06 3.71
CA TRP D 47 15.12 0.84 3.53
C TRP D 47 14.54 1.17 4.89
N ILE D 48 14.20 2.44 5.05
CA ILE D 48 13.65 2.89 6.32
C ILE D 48 12.13 3.05 6.28
N ALA D 49 11.63 3.77 5.28
CA ALA D 49 10.20 4.01 5.18
C ALA D 49 9.93 4.84 3.95
N TRP D 50 8.65 5.01 3.63
CA TRP D 50 8.23 5.85 2.52
C TRP D 50 7.00 6.61 2.98
N ILE D 51 6.67 7.66 2.26
CA ILE D 51 5.50 8.44 2.55
C ILE D 51 4.89 8.75 1.18
N TYR D 52 3.57 8.61 1.04
CA TYR D 52 2.95 8.96 -0.23
C TYR D 52 2.68 10.45 -0.08
N ALA D 53 3.19 11.26 -0.99
CA ALA D 53 2.99 12.70 -0.90
C ALA D 53 1.54 13.10 -1.07
N GLY D 54 0.78 12.30 -1.80
CA GLY D 54 -0.60 12.66 -2.01
C GLY D 54 -1.49 12.59 -0.79
N SER D 55 -1.24 11.64 0.10
CA SER D 55 -2.09 11.48 1.28
C SER D 55 -1.40 11.79 2.60
N GLY D 56 -0.09 11.68 2.63
CA GLY D 56 0.66 11.87 3.85
C GLY D 56 0.77 10.51 4.51
N GLY D 57 0.32 9.46 3.81
CA GLY D 57 0.37 8.13 4.38
C GLY D 57 1.79 7.63 4.45
N THR D 58 2.13 6.89 5.50
CA THR D 58 3.48 6.40 5.68
C THR D 58 3.53 4.90 5.92
N VAL D 59 4.64 4.30 5.48
CA VAL D 59 4.86 2.88 5.69
C VAL D 59 6.30 2.77 6.15
N TYR D 60 6.49 2.18 7.32
CA TYR D 60 7.82 2.05 7.94
C TYR D 60 8.32 0.63 8.06
N ASN D 61 9.64 0.52 8.06
CA ASN D 61 10.32 -0.73 8.27
C ASN D 61 10.13 -0.84 9.79
N GLN D 62 9.55 -1.94 10.25
CA GLN D 62 9.32 -2.13 11.67
C GLN D 62 10.56 -1.89 12.56
N HIS D 63 11.74 -1.92 11.96
CA HIS D 63 12.96 -1.71 12.73
C HIS D 63 13.27 -0.24 12.95
N PHE D 64 12.51 0.64 12.31
CA PHE D 64 12.73 2.07 12.42
C PHE D 64 11.50 2.84 12.90
N THR D 65 10.47 2.13 13.35
CA THR D 65 9.29 2.80 13.87
C THR D 65 9.69 3.28 15.26
N ASP D 66 9.14 4.40 15.69
CA ASP D 66 9.47 4.97 17.00
C ASP D 66 10.84 5.67 16.94
N LYS D 67 11.53 5.52 15.80
CA LYS D 67 12.83 6.12 15.56
C LYS D 67 12.74 7.21 14.49
N ALA D 68 12.06 6.91 13.39
CA ALA D 68 11.92 7.84 12.28
C ALA D 68 10.52 8.41 12.17
N ARG D 69 10.42 9.60 11.59
CA ARG D 69 9.15 10.26 11.38
C ARG D 69 9.22 11.03 10.06
N LEU D 70 8.39 10.66 9.09
CA LEU D 70 8.39 11.32 7.80
C LEU D 70 7.22 12.24 7.64
N THR D 71 7.47 13.37 6.98
CA THR D 71 6.45 14.34 6.72
C THR D 71 6.74 14.86 5.34
N VAL D 72 5.81 15.65 4.82
CA VAL D 72 5.94 16.19 3.50
C VAL D 72 5.45 17.64 3.51
N ASP D 73 5.94 18.47 2.61
CA ASP D 73 5.49 19.85 2.50
C ASP D 73 5.15 20.04 1.04
N THR D 74 3.88 19.84 0.71
CA THR D 74 3.46 19.91 -0.69
C THR D 74 3.61 21.27 -1.33
N SER D 75 3.61 22.33 -0.53
CA SER D 75 3.77 23.66 -1.09
C SER D 75 5.18 23.94 -1.61
N SER D 76 6.17 23.27 -1.02
CA SER D 76 7.56 23.43 -1.44
C SER D 76 8.14 22.13 -1.98
N SER D 77 7.28 21.14 -2.21
CA SER D 77 7.71 19.85 -2.73
C SER D 77 8.93 19.33 -1.98
N THR D 78 8.86 19.36 -0.65
CA THR D 78 9.99 18.91 0.16
C THR D 78 9.51 17.86 1.12
N ALA D 79 10.34 16.84 1.29
CA ALA D 79 10.05 15.73 2.18
C ALA D 79 11.07 15.79 3.29
N TYR D 80 10.67 15.36 4.48
CA TYR D 80 11.53 15.39 5.65
C TYR D 80 11.49 14.09 6.40
N MET D 81 12.58 13.82 7.08
CA MET D 81 12.68 12.67 7.93
C MET D 81 13.32 13.17 9.20
N GLN D 82 12.65 12.94 10.31
CA GLN D 82 13.12 13.32 11.63
C GLN D 82 13.52 11.99 12.24
N PHE D 83 14.79 11.88 12.58
CA PHE D 83 15.35 10.66 13.17
C PHE D 83 15.64 11.06 14.61
N SER D 84 15.24 10.23 15.56
CA SER D 84 15.46 10.57 16.96
C SER D 84 16.29 9.56 17.72
N SER D 85 16.63 9.92 18.95
CA SER D 85 17.42 9.08 19.85
C SER D 85 18.63 8.47 19.13
N LEU D 86 19.36 9.32 18.41
CA LEU D 86 20.53 8.87 17.65
C LEU D 86 21.60 8.22 18.50
N THR D 87 22.21 7.17 17.96
CA THR D 87 23.29 6.47 18.63
C THR D 87 24.41 6.52 17.60
N THR D 88 25.64 6.28 18.03
CA THR D 88 26.78 6.32 17.11
C THR D 88 26.61 5.35 15.94
N GLU D 89 25.81 4.30 16.14
CA GLU D 89 25.56 3.32 15.08
C GLU D 89 24.70 3.88 13.96
N ASP D 90 24.08 5.04 14.20
CA ASP D 90 23.24 5.68 13.21
C ASP D 90 24.06 6.51 12.25
N SER D 91 25.36 6.58 12.46
CA SER D 91 26.18 7.37 11.55
C SER D 91 26.18 6.64 10.21
N ALA D 92 25.80 7.34 9.15
CA ALA D 92 25.76 6.72 7.83
C ALA D 92 25.29 7.75 6.84
N ILE D 93 25.20 7.36 5.58
CA ILE D 93 24.66 8.26 4.57
C ILE D 93 23.17 7.90 4.40
N TYR D 94 22.34 8.93 4.33
CA TYR D 94 20.90 8.78 4.22
C TYR D 94 20.43 9.32 2.92
N TYR D 95 19.71 8.49 2.17
CA TYR D 95 19.19 8.93 0.88
C TYR D 95 17.69 9.02 0.88
N CYS D 96 17.15 9.87 0.02
CA CYS D 96 15.70 9.92 -0.21
C CYS D 96 15.62 9.49 -1.70
N ALA D 97 14.57 8.77 -2.08
CA ALA D 97 14.41 8.33 -3.46
C ALA D 97 12.96 8.35 -3.84
N ARG D 98 12.67 8.67 -5.10
CA ARG D 98 11.28 8.67 -5.54
C ARG D 98 10.92 7.36 -6.24
N TYR D 99 9.78 6.81 -5.85
CA TYR D 99 9.27 5.60 -6.47
C TYR D 99 7.92 5.90 -7.07
N ARG D 100 7.62 5.24 -8.17
CA ARG D 100 6.31 5.28 -8.83
C ARG D 100 6.19 3.93 -9.50
N TYR D 101 4.98 3.37 -9.50
CA TYR D 101 4.71 2.05 -10.10
C TYR D 101 5.23 1.99 -11.52
N ASP D 102 5.23 3.16 -12.16
CA ASP D 102 5.66 3.43 -13.52
C ASP D 102 7.18 3.44 -13.76
N GLU D 103 7.95 3.62 -12.71
CA GLU D 103 9.38 3.80 -12.92
C GLU D 103 10.37 3.24 -11.92
N GLY D 104 9.87 2.68 -10.83
CA GLY D 104 10.74 2.16 -9.78
C GLY D 104 11.43 3.34 -9.11
N PHE D 105 12.54 3.08 -8.42
CA PHE D 105 13.31 4.12 -7.76
C PHE D 105 14.20 4.79 -8.77
N ALA D 106 13.62 5.65 -9.58
CA ALA D 106 14.34 6.34 -10.63
C ALA D 106 15.12 7.56 -10.20
N TYR D 107 14.63 8.27 -9.19
CA TYR D 107 15.28 9.50 -8.73
C TYR D 107 15.82 9.33 -7.35
N TRP D 108 17.07 9.73 -7.16
CA TRP D 108 17.76 9.62 -5.88
C TRP D 108 18.39 10.93 -5.54
N GLY D 109 18.50 11.21 -4.24
CA GLY D 109 19.14 12.44 -3.79
C GLY D 109 20.61 12.12 -3.68
N GLN D 110 21.44 13.12 -3.43
CA GLN D 110 22.88 12.90 -3.35
C GLN D 110 23.37 12.27 -2.06
N GLY D 111 22.48 12.13 -1.07
CA GLY D 111 22.86 11.55 0.20
C GLY D 111 23.27 12.61 1.22
N THR D 112 23.06 12.33 2.50
CA THR D 112 23.41 13.26 3.58
C THR D 112 24.20 12.45 4.58
N LEU D 113 25.41 12.91 4.89
CA LEU D 113 26.28 12.23 5.84
C LEU D 113 25.91 12.68 7.24
N VAL D 114 25.50 11.72 8.06
CA VAL D 114 25.14 11.99 9.42
C VAL D 114 26.15 11.31 10.31
N THR D 115 26.89 12.14 11.05
CA THR D 115 27.91 11.65 11.99
C THR D 115 27.44 11.93 13.40
N VAL D 116 27.18 10.85 14.12
CA VAL D 116 26.72 10.92 15.49
C VAL D 116 27.97 10.75 16.32
N SER D 117 28.39 11.82 16.98
CA SER D 117 29.60 11.76 17.78
C SER D 117 29.70 12.85 18.86
N ALA D 118 30.43 12.53 19.92
CA ALA D 118 30.66 13.48 21.00
C ALA D 118 31.97 14.27 20.80
N ALA D 119 32.83 13.81 19.88
CA ALA D 119 34.09 14.50 19.58
C ALA D 119 33.75 15.89 19.10
N LYS D 120 34.71 16.80 19.13
CA LYS D 120 34.42 18.16 18.69
C LYS D 120 34.94 18.48 17.31
N THR D 121 34.39 19.52 16.71
CA THR D 121 34.79 19.99 15.41
C THR D 121 36.22 20.55 15.52
N THR D 122 37.11 20.06 14.64
CA THR D 122 38.50 20.51 14.62
C THR D 122 38.81 20.89 13.18
N PRO D 123 39.28 22.12 12.96
CA PRO D 123 39.61 22.56 11.60
C PRO D 123 40.90 21.88 11.15
N PRO D 124 41.06 21.72 9.83
CA PRO D 124 42.29 21.07 9.35
C PRO D 124 43.52 21.97 9.28
N SER D 125 44.68 21.34 9.31
CA SER D 125 45.95 22.04 9.13
C SER D 125 46.20 21.80 7.63
N VAL D 126 46.44 22.86 6.87
CA VAL D 126 46.66 22.66 5.45
C VAL D 126 48.10 22.94 5.11
N TYR D 127 48.76 21.97 4.48
CA TYR D 127 50.16 22.11 4.12
C TYR D 127 50.40 21.96 2.63
N PRO D 128 51.16 22.89 2.04
CA PRO D 128 51.46 22.80 0.61
C PRO D 128 52.55 21.73 0.44
N LEU D 129 52.45 20.92 -0.62
CA LEU D 129 53.47 19.91 -0.86
C LEU D 129 54.15 20.26 -2.17
N ALA D 130 55.40 20.70 -2.07
CA ALA D 130 56.19 21.06 -3.23
C ALA D 130 57.37 20.10 -3.35
N PRO D 131 57.85 19.88 -4.58
CA PRO D 131 58.98 18.96 -4.72
C PRO D 131 60.29 19.65 -4.30
N GLY D 132 61.26 18.85 -3.85
CA GLY D 132 62.56 19.39 -3.43
C GLY D 132 63.50 19.67 -4.61
N SER D 133 64.61 20.36 -4.35
CA SER D 133 65.57 20.66 -5.41
C SER D 133 66.23 19.36 -5.85
N ALA D 134 65.50 18.58 -6.64
CA ALA D 134 66.03 17.30 -7.09
C ALA D 134 65.16 16.53 -8.06
N ALA D 135 63.83 16.64 -7.96
CA ALA D 135 62.94 15.87 -8.85
C ALA D 135 62.49 16.62 -10.11
N GLN D 136 61.17 16.79 -10.26
CA GLN D 136 60.57 17.53 -11.37
C GLN D 136 61.08 17.17 -12.77
N THR D 137 62.23 17.75 -13.14
CA THR D 137 62.90 17.56 -14.44
C THR D 137 62.22 16.60 -15.40
N ASN D 138 61.16 17.10 -16.05
CA ASN D 138 60.38 16.31 -16.99
C ASN D 138 59.33 17.25 -17.57
N SER D 139 58.39 16.72 -18.35
CA SER D 139 57.32 17.51 -18.96
C SER D 139 56.17 17.73 -17.97
N MET D 140 56.02 16.82 -17.02
CA MET D 140 54.95 16.91 -16.03
C MET D 140 55.51 17.10 -14.62
N VAL D 141 54.81 17.89 -13.82
CA VAL D 141 55.23 18.13 -12.44
C VAL D 141 54.04 17.94 -11.51
N THR D 142 54.23 17.15 -10.45
CA THR D 142 53.19 16.87 -9.47
C THR D 142 53.34 17.68 -8.17
N LEU D 143 52.30 18.44 -7.85
CA LEU D 143 52.27 19.21 -6.62
C LEU D 143 51.25 18.50 -5.73
N GLY D 144 51.17 18.88 -4.46
CA GLY D 144 50.22 18.23 -3.58
C GLY D 144 49.75 19.13 -2.46
N CYS D 145 48.76 18.68 -1.70
CA CYS D 145 48.21 19.42 -0.55
C CYS D 145 47.80 18.42 0.49
N LEU D 146 48.33 18.57 1.70
CA LEU D 146 48.00 17.70 2.81
C LEU D 146 46.99 18.41 3.72
N VAL D 147 45.85 17.75 3.92
CA VAL D 147 44.77 18.28 4.72
C VAL D 147 44.72 17.38 5.92
N LYS D 148 45.43 17.81 6.96
CA LYS D 148 45.60 17.00 8.16
C LYS D 148 44.84 17.35 9.46
N GLY D 149 44.32 16.30 10.12
CA GLY D 149 43.64 16.44 11.40
C GLY D 149 42.39 17.29 11.54
N TYR D 150 41.33 16.90 10.83
CA TYR D 150 40.07 17.63 10.91
C TYR D 150 38.93 16.73 11.34
N PHE D 151 37.81 17.35 11.73
CA PHE D 151 36.62 16.63 12.16
C PHE D 151 35.46 17.60 12.23
N PRO D 152 34.30 17.21 11.67
CA PRO D 152 34.15 15.90 11.00
C PRO D 152 34.28 16.04 9.49
N GLU D 153 33.95 14.96 8.79
CA GLU D 153 33.98 14.94 7.35
C GLU D 153 32.80 15.80 6.92
N PRO D 154 32.86 16.38 5.72
CA PRO D 154 33.94 16.28 4.76
C PRO D 154 34.64 17.62 4.57
N VAL D 155 35.61 17.62 3.66
CA VAL D 155 36.35 18.81 3.26
C VAL D 155 36.29 18.73 1.74
N THR D 156 36.37 19.88 1.10
CA THR D 156 36.33 20.01 -0.33
C THR D 156 37.68 20.56 -0.74
N VAL D 157 38.33 19.93 -1.72
CA VAL D 157 39.62 20.40 -2.22
C VAL D 157 39.58 20.64 -3.73
N THR D 158 39.90 21.86 -4.14
CA THR D 158 39.95 22.21 -5.55
C THR D 158 41.28 22.85 -5.79
N TRP D 159 41.63 23.04 -7.05
CA TRP D 159 42.89 23.66 -7.40
C TRP D 159 42.55 24.83 -8.28
N ASN D 160 43.19 25.96 -8.00
CA ASN D 160 42.93 27.18 -8.73
C ASN D 160 41.43 27.43 -8.86
N SER D 161 40.72 27.23 -7.75
CA SER D 161 39.28 27.44 -7.73
C SER D 161 38.54 26.67 -8.81
N GLY D 162 39.03 25.47 -9.14
CA GLY D 162 38.37 24.66 -10.15
C GLY D 162 38.92 24.79 -11.56
N SER D 163 39.70 25.84 -11.81
CA SER D 163 40.29 26.05 -13.12
C SER D 163 41.18 24.87 -13.48
N LEU D 164 41.68 24.18 -12.46
CA LEU D 164 42.57 23.05 -12.64
C LEU D 164 41.85 21.74 -12.32
N SER D 165 41.12 21.20 -13.30
CA SER D 165 40.37 19.96 -13.10
C SER D 165 41.16 18.72 -13.51
N SER D 166 41.93 18.82 -14.59
CA SER D 166 42.69 17.69 -15.07
C SER D 166 43.95 17.39 -14.25
N GLY D 167 44.24 16.10 -14.10
CA GLY D 167 45.41 15.68 -13.37
C GLY D 167 45.27 15.68 -11.87
N VAL D 168 44.05 15.91 -11.39
CA VAL D 168 43.81 15.95 -9.95
C VAL D 168 43.42 14.58 -9.36
N HIS D 169 44.04 14.24 -8.23
CA HIS D 169 43.74 13.00 -7.52
C HIS D 169 43.56 13.34 -6.05
N THR D 170 42.32 13.38 -5.59
CA THR D 170 42.05 13.67 -4.19
C THR D 170 41.81 12.31 -3.55
N PHE D 171 42.57 12.01 -2.51
CA PHE D 171 42.44 10.72 -1.84
C PHE D 171 41.45 10.70 -0.69
N PRO D 172 40.79 9.56 -0.51
CA PRO D 172 39.80 9.37 0.55
C PRO D 172 40.41 9.62 1.91
N ALA D 173 39.68 10.35 2.76
CA ALA D 173 40.13 10.67 4.11
C ALA D 173 40.28 9.41 4.92
N VAL D 174 41.29 9.38 5.77
CA VAL D 174 41.54 8.22 6.62
C VAL D 174 41.40 8.72 8.04
N LEU D 175 40.64 7.99 8.85
CA LEU D 175 40.38 8.34 10.23
C LEU D 175 41.51 7.85 11.08
N GLN D 176 42.10 8.76 11.84
CA GLN D 176 43.19 8.40 12.71
C GLN D 176 42.75 8.74 14.12
N SER D 177 42.21 7.72 14.77
CA SER D 177 41.75 7.80 16.14
C SER D 177 40.46 8.56 16.25
N ASP D 178 40.53 9.83 15.93
CA ASP D 178 39.35 10.67 16.01
C ASP D 178 39.46 11.86 15.07
N LEU D 179 40.51 11.88 14.25
CA LEU D 179 40.70 12.97 13.30
C LEU D 179 40.97 12.40 11.94
N TYR D 180 40.58 13.12 10.91
CA TYR D 180 40.78 12.69 9.54
C TYR D 180 41.96 13.42 8.88
N THR D 181 42.57 12.72 7.92
CA THR D 181 43.64 13.24 7.12
C THR D 181 43.38 12.80 5.67
N LEU D 182 43.56 13.73 4.75
CA LEU D 182 43.35 13.49 3.34
C LEU D 182 44.44 14.26 2.58
N SER D 183 44.71 13.87 1.33
CA SER D 183 45.71 14.58 0.52
C SER D 183 45.17 14.62 -0.90
N SER D 184 45.71 15.53 -1.69
CA SER D 184 45.29 15.68 -3.06
C SER D 184 46.55 15.98 -3.86
N SER D 185 46.58 15.51 -5.11
CA SER D 185 47.72 15.76 -5.98
C SER D 185 47.22 16.33 -7.30
N VAL D 186 48.05 17.16 -7.94
CA VAL D 186 47.70 17.72 -9.22
C VAL D 186 48.97 17.66 -10.07
N THR D 187 48.82 17.20 -11.31
CA THR D 187 49.95 17.09 -12.23
C THR D 187 49.75 18.11 -13.33
N VAL D 188 50.72 19.00 -13.49
CA VAL D 188 50.61 20.02 -14.50
C VAL D 188 51.84 20.00 -15.40
N PRO D 189 51.73 20.60 -16.58
CA PRO D 189 52.93 20.60 -17.43
C PRO D 189 53.91 21.59 -16.83
N SER D 190 55.20 21.26 -16.88
CA SER D 190 56.26 22.11 -16.37
C SER D 190 56.12 23.54 -16.92
N SER D 191 55.37 23.65 -18.00
CA SER D 191 55.08 24.93 -18.64
C SER D 191 54.42 25.82 -17.57
N THR D 192 53.44 25.25 -16.88
CA THR D 192 52.66 25.92 -15.85
C THR D 192 53.35 26.33 -14.54
N TRP D 193 54.08 25.41 -13.91
CA TRP D 193 54.73 25.71 -12.63
C TRP D 193 56.21 25.42 -12.75
N PRO D 194 57.05 26.20 -12.04
CA PRO D 194 56.75 27.32 -11.12
C PRO D 194 56.45 28.66 -11.74
N SER D 195 56.34 28.75 -13.06
CA SER D 195 56.11 30.05 -13.67
C SER D 195 54.86 30.69 -13.11
N GLU D 196 53.75 29.97 -13.16
CA GLU D 196 52.48 30.46 -12.67
C GLU D 196 52.12 29.92 -11.28
N THR D 197 51.05 30.50 -10.72
CA THR D 197 50.55 30.15 -9.39
C THR D 197 49.57 28.96 -9.37
N VAL D 198 49.88 27.98 -8.52
CA VAL D 198 49.01 26.84 -8.34
C VAL D 198 48.64 26.89 -6.87
N THR D 199 47.35 27.06 -6.62
CA THR D 199 46.81 27.18 -5.28
C THR D 199 45.76 26.10 -4.99
N CYS D 200 45.89 25.41 -3.87
CA CYS D 200 44.87 24.43 -3.52
C CYS D 200 43.94 25.06 -2.49
N ASN D 201 42.65 24.94 -2.76
CA ASN D 201 41.62 25.52 -1.92
C ASN D 201 40.97 24.41 -1.09
N VAL D 202 40.98 24.58 0.22
CA VAL D 202 40.38 23.59 1.12
C VAL D 202 39.24 24.22 1.94
N ALA D 203 38.06 23.61 1.87
CA ALA D 203 36.91 24.12 2.60
C ALA D 203 36.44 23.04 3.54
N HIS D 204 36.21 23.43 4.80
CA HIS D 204 35.71 22.53 5.82
C HIS D 204 34.48 23.20 6.39
N PRO D 205 33.29 22.86 5.86
CA PRO D 205 32.00 23.40 6.25
C PRO D 205 31.75 23.45 7.76
N ALA D 206 31.85 22.31 8.43
CA ALA D 206 31.59 22.21 9.86
C ALA D 206 32.30 23.25 10.73
N SER D 207 33.40 23.82 10.25
CA SER D 207 34.08 24.80 11.09
C SER D 207 34.20 26.15 10.41
N SER D 208 33.53 26.29 9.28
CA SER D 208 33.51 27.52 8.50
C SER D 208 34.94 27.92 8.08
N THR D 209 35.73 26.90 7.76
CA THR D 209 37.11 27.13 7.34
C THR D 209 37.20 27.13 5.84
N LYS D 210 38.02 28.02 5.30
CA LYS D 210 38.28 28.15 3.87
C LYS D 210 39.74 28.60 3.78
N VAL D 211 40.62 27.70 3.37
CA VAL D 211 42.04 28.00 3.25
C VAL D 211 42.55 27.91 1.82
N ASP D 212 43.42 28.84 1.45
CA ASP D 212 44.00 28.82 0.13
C ASP D 212 45.49 28.62 0.34
N LYS D 213 46.05 27.57 -0.24
CA LYS D 213 47.47 27.29 -0.08
C LYS D 213 48.20 27.27 -1.42
N LYS D 214 48.86 28.38 -1.71
CA LYS D 214 49.62 28.51 -2.93
C LYS D 214 50.83 27.59 -2.81
N ILE D 215 51.21 26.95 -3.91
CA ILE D 215 52.36 26.05 -3.91
C ILE D 215 53.56 26.87 -4.43
N VAL D 216 54.59 27.00 -3.59
CA VAL D 216 55.78 27.74 -3.97
C VAL D 216 57.00 26.82 -3.92
N PRO D 217 57.96 27.05 -4.83
CA PRO D 217 59.19 26.24 -4.90
C PRO D 217 59.89 26.29 -3.56
N ARG D 218 60.14 25.12 -2.96
CA ARG D 218 60.79 25.08 -1.66
C ARG D 218 62.28 25.47 -1.68
N ASP D 219 62.52 26.74 -1.31
CA ASP D 219 63.86 27.33 -1.24
C ASP D 219 64.56 26.88 0.04
N CYS D 220 63.75 26.29 0.92
CA CYS D 220 64.20 25.79 2.21
C CYS D 220 63.47 24.47 2.45
#